data_1RJU
# 
_entry.id   1RJU 
# 
_audit_conform.dict_name       mmcif_pdbx.dic 
_audit_conform.dict_version    5.386 
_audit_conform.dict_location   http://mmcif.pdb.org/dictionaries/ascii/mmcif_pdbx.dic 
# 
loop_
_database_2.database_id 
_database_2.database_code 
_database_2.pdbx_database_accession 
_database_2.pdbx_DOI 
PDB   1RJU         pdb_00001rju 10.2210/pdb1rju/pdb 
RCSB  RCSB020816   ?            ?                   
WWPDB D_1000020816 ?            ?                   
# 
loop_
_pdbx_audit_revision_history.ordinal 
_pdbx_audit_revision_history.data_content_type 
_pdbx_audit_revision_history.major_revision 
_pdbx_audit_revision_history.minor_revision 
_pdbx_audit_revision_history.revision_date 
1 'Structure model' 1 0 2004-12-07 
2 'Structure model' 1 1 2008-04-29 
3 'Structure model' 1 2 2011-07-13 
4 'Structure model' 1 3 2024-02-14 
# 
_pdbx_audit_revision_details.ordinal             1 
_pdbx_audit_revision_details.revision_ordinal    1 
_pdbx_audit_revision_details.data_content_type   'Structure model' 
_pdbx_audit_revision_details.provider            repository 
_pdbx_audit_revision_details.type                'Initial release' 
_pdbx_audit_revision_details.description         ? 
_pdbx_audit_revision_details.details             ? 
# 
loop_
_pdbx_audit_revision_group.ordinal 
_pdbx_audit_revision_group.revision_ordinal 
_pdbx_audit_revision_group.data_content_type 
_pdbx_audit_revision_group.group 
1 2 'Structure model' 'Version format compliance' 
2 3 'Structure model' 'Version format compliance' 
3 4 'Structure model' 'Data collection'           
4 4 'Structure model' 'Database references'       
5 4 'Structure model' 'Derived calculations'      
# 
loop_
_pdbx_audit_revision_category.ordinal 
_pdbx_audit_revision_category.revision_ordinal 
_pdbx_audit_revision_category.data_content_type 
_pdbx_audit_revision_category.category 
1 4 'Structure model' chem_comp_atom         
2 4 'Structure model' chem_comp_bond         
3 4 'Structure model' database_2             
4 4 'Structure model' diffrn_source          
5 4 'Structure model' pdbx_struct_conn_angle 
6 4 'Structure model' struct_conn            
7 4 'Structure model' struct_site            
# 
loop_
_pdbx_audit_revision_item.ordinal 
_pdbx_audit_revision_item.revision_ordinal 
_pdbx_audit_revision_item.data_content_type 
_pdbx_audit_revision_item.item 
1  4 'Structure model' '_database_2.pdbx_DOI'                        
2  4 'Structure model' '_database_2.pdbx_database_accession'         
3  4 'Structure model' '_diffrn_source.pdbx_synchrotron_site'        
4  4 'Structure model' '_pdbx_struct_conn_angle.ptnr1_auth_seq_id'   
5  4 'Structure model' '_pdbx_struct_conn_angle.ptnr1_label_asym_id' 
6  4 'Structure model' '_pdbx_struct_conn_angle.ptnr1_label_seq_id'  
7  4 'Structure model' '_pdbx_struct_conn_angle.ptnr2_auth_seq_id'   
8  4 'Structure model' '_pdbx_struct_conn_angle.ptnr2_label_asym_id' 
9  4 'Structure model' '_pdbx_struct_conn_angle.ptnr3_auth_comp_id'  
10 4 'Structure model' '_pdbx_struct_conn_angle.ptnr3_auth_seq_id'   
11 4 'Structure model' '_pdbx_struct_conn_angle.ptnr3_label_asym_id' 
12 4 'Structure model' '_pdbx_struct_conn_angle.ptnr3_label_atom_id' 
13 4 'Structure model' '_pdbx_struct_conn_angle.ptnr3_label_comp_id' 
14 4 'Structure model' '_pdbx_struct_conn_angle.ptnr3_label_seq_id'  
15 4 'Structure model' '_pdbx_struct_conn_angle.value'               
16 4 'Structure model' '_struct_conn.pdbx_dist_value'                
17 4 'Structure model' '_struct_conn.ptnr1_auth_comp_id'             
18 4 'Structure model' '_struct_conn.ptnr1_auth_seq_id'              
19 4 'Structure model' '_struct_conn.ptnr1_label_asym_id'            
20 4 'Structure model' '_struct_conn.ptnr1_label_atom_id'            
21 4 'Structure model' '_struct_conn.ptnr1_label_comp_id'            
22 4 'Structure model' '_struct_conn.ptnr1_label_seq_id'             
23 4 'Structure model' '_struct_conn.ptnr2_auth_comp_id'             
24 4 'Structure model' '_struct_conn.ptnr2_auth_seq_id'              
25 4 'Structure model' '_struct_conn.ptnr2_label_asym_id'            
26 4 'Structure model' '_struct_conn.ptnr2_label_atom_id'            
27 4 'Structure model' '_struct_conn.ptnr2_label_comp_id'            
28 4 'Structure model' '_struct_conn.ptnr2_label_seq_id'             
29 4 'Structure model' '_struct_site.pdbx_auth_asym_id'              
30 4 'Structure model' '_struct_site.pdbx_auth_comp_id'              
31 4 'Structure model' '_struct_site.pdbx_auth_seq_id'               
# 
_pdbx_database_status.status_code                     REL 
_pdbx_database_status.entry_id                        1RJU 
_pdbx_database_status.recvd_initial_deposition_date   2003-11-20 
_pdbx_database_status.deposit_site                    RCSB 
_pdbx_database_status.process_site                    RCSB 
_pdbx_database_status.status_code_sf                  REL 
_pdbx_database_status.status_code_mr                  ? 
_pdbx_database_status.SG_entry                        ? 
_pdbx_database_status.pdb_format_compatible           Y 
_pdbx_database_status.status_code_cs                  ? 
_pdbx_database_status.status_code_nmr_data            ? 
_pdbx_database_status.methods_development_category    ? 
# 
_pdbx_database_related.db_name        PDB 
_pdbx_database_related.db_id          1FMY 
_pdbx_database_related.details        'NMR structure of the protein part of Cu7 metallothionein' 
_pdbx_database_related.content_type   unspecified 
# 
loop_
_audit_author.name 
_audit_author.pdbx_ordinal 
'Calderone, V.'  1 
'Dolderer, B.'   2 
'Hartmann, H.J.' 3 
'Echner, H.'     4 
'Luchinat, C.'   5 
'Del Bianco, C.' 6 
'Mangani, S.'    7 
'Weser, U.'      8 
# 
loop_
_citation.id 
_citation.title 
_citation.journal_abbrev 
_citation.journal_volume 
_citation.page_first 
_citation.page_last 
_citation.year 
_citation.journal_id_ASTM 
_citation.country 
_citation.journal_id_ISSN 
_citation.journal_id_CSD 
_citation.book_publisher 
_citation.pdbx_database_id_PubMed 
_citation.pdbx_database_id_DOI 
primary 'The Crystal Structure of Yeast Copper Thionein: the solution of a long lasting Enigma.' Proc.Natl.Acad.Sci.USA 102 51   
56   2005 PNASA6 US 0027-8424 0040 15613489 15613489 10.1073/pnas.0408254101          
1       'High resolution solution structure of the protein part of Cu7 metallothionein' Eur.J.Biochem.         267 1008 1018 2000 
EJBCAI IX 0014-2956 0262 ?        ?        10.1046/j.1432-1327.2000.01093.x 
2       
;The Cu(I)(7) cluster in yeast copper thionein survives major shortening of the polypeptide backbone as deduced from electronic absorption, circular dichroism, luminescence and (1)H NMR
;
J.Biol.Inorg.Chem.     8   353  359  2003 JJBCFA GW 0949-8257 2154 ?        ?        ?                                
# 
loop_
_citation_author.citation_id 
_citation_author.name 
_citation_author.ordinal 
_citation_author.identifier_ORCID 
primary 'Calderone, V.'  1  ? 
primary 'Dolderer, B.'   2  ? 
primary 'Hartmann, H.J.' 3  ? 
primary 'Echner, H.'     4  ? 
primary 'Luchinat, C.'   5  ? 
primary 'Del Bianco, C.' 6  ? 
primary 'Mangani, S.'    7  ? 
primary 'Weser, U.'      8  ? 
1       'Bertini, I.'    9  ? 
1       'Hartmann, H.J.' 10 ? 
1       'Klein, T.'      11 ? 
1       'Liu, G.'        12 ? 
1       'Luchinat, C.'   13 ? 
1       'Weser, U.'      14 ? 
2       'Luchinat, C.'   15 ? 
2       'Dolderer, B.'   16 ? 
2       'Del Bianco, C.' 17 ? 
2       'Echner, H.'     18 ? 
2       'Hartmann, H.J.' 19 ? 
2       'Voelter, W.'    20 ? 
2       'Weser, U.'      21 ? 
# 
loop_
_entity.id 
_entity.type 
_entity.src_method 
_entity.pdbx_description 
_entity.formula_weight 
_entity.pdbx_number_of_molecules 
_entity.pdbx_ec 
_entity.pdbx_mutation 
_entity.pdbx_fragment 
_entity.details 
1 polymer     syn Metallothionein  3847.259 1  ? ? ? ? 
2 non-polymer syn 'COPPER (I) ION' 63.546   8  ? ? ? ? 
3 water       nat water            18.015   37 ? ? ? ? 
# 
_entity_name_com.entity_id   1 
_entity_name_com.name        'Cu-MT, Copper chelatin' 
# 
_entity_poly.entity_id                      1 
_entity_poly.type                           'polypeptide(L)' 
_entity_poly.nstd_linkage                   no 
_entity_poly.nstd_monomer                   no 
_entity_poly.pdbx_seq_one_letter_code       HECQCQCGSCKNNEQCQKSCSCPTGCNSDDKCPCGN 
_entity_poly.pdbx_seq_one_letter_code_can   HECQCQCGSCKNNEQCQKSCSCPTGCNSDDKCPCGN 
_entity_poly.pdbx_strand_id                 V 
_entity_poly.pdbx_target_identifier         ? 
# 
loop_
_pdbx_entity_nonpoly.entity_id 
_pdbx_entity_nonpoly.name 
_pdbx_entity_nonpoly.comp_id 
2 'COPPER (I) ION' CU1 
3 water            HOH 
# 
loop_
_entity_poly_seq.entity_id 
_entity_poly_seq.num 
_entity_poly_seq.mon_id 
_entity_poly_seq.hetero 
1 1  HIS n 
1 2  GLU n 
1 3  CYS n 
1 4  GLN n 
1 5  CYS n 
1 6  GLN n 
1 7  CYS n 
1 8  GLY n 
1 9  SER n 
1 10 CYS n 
1 11 LYS n 
1 12 ASN n 
1 13 ASN n 
1 14 GLU n 
1 15 GLN n 
1 16 CYS n 
1 17 GLN n 
1 18 LYS n 
1 19 SER n 
1 20 CYS n 
1 21 SER n 
1 22 CYS n 
1 23 PRO n 
1 24 THR n 
1 25 GLY n 
1 26 CYS n 
1 27 ASN n 
1 28 SER n 
1 29 ASP n 
1 30 ASP n 
1 31 LYS n 
1 32 CYS n 
1 33 PRO n 
1 34 CYS n 
1 35 GLY n 
1 36 ASN n 
# 
_pdbx_entity_src_syn.entity_id              1 
_pdbx_entity_src_syn.pdbx_src_id            1 
_pdbx_entity_src_syn.pdbx_alt_source_flag   sample 
_pdbx_entity_src_syn.pdbx_beg_seq_num       ? 
_pdbx_entity_src_syn.pdbx_end_seq_num       ? 
_pdbx_entity_src_syn.organism_scientific    ? 
_pdbx_entity_src_syn.organism_common_name   ? 
_pdbx_entity_src_syn.ncbi_taxonomy_id       ? 
_pdbx_entity_src_syn.details                
;The protein was Chemically synthesized. The sequence of the protein IS NATURALLY FOUND IN Saccharomyces cerevisiae (Baker's yeast).
;
# 
loop_
_chem_comp.id 
_chem_comp.type 
_chem_comp.mon_nstd_flag 
_chem_comp.name 
_chem_comp.pdbx_synonyms 
_chem_comp.formula 
_chem_comp.formula_weight 
ASN 'L-peptide linking' y ASPARAGINE       ? 'C4 H8 N2 O3'    132.118 
ASP 'L-peptide linking' y 'ASPARTIC ACID'  ? 'C4 H7 N O4'     133.103 
CU1 non-polymer         . 'COPPER (I) ION' ? 'Cu 1'           63.546  
CYS 'L-peptide linking' y CYSTEINE         ? 'C3 H7 N O2 S'   121.158 
GLN 'L-peptide linking' y GLUTAMINE        ? 'C5 H10 N2 O3'   146.144 
GLU 'L-peptide linking' y 'GLUTAMIC ACID'  ? 'C5 H9 N O4'     147.129 
GLY 'peptide linking'   y GLYCINE          ? 'C2 H5 N O2'     75.067  
HIS 'L-peptide linking' y HISTIDINE        ? 'C6 H10 N3 O2 1' 156.162 
HOH non-polymer         . WATER            ? 'H2 O'           18.015  
LYS 'L-peptide linking' y LYSINE           ? 'C6 H15 N2 O2 1' 147.195 
PRO 'L-peptide linking' y PROLINE          ? 'C5 H9 N O2'     115.130 
SER 'L-peptide linking' y SERINE           ? 'C3 H7 N O3'     105.093 
THR 'L-peptide linking' y THREONINE        ? 'C4 H9 N O3'     119.119 
# 
loop_
_pdbx_poly_seq_scheme.asym_id 
_pdbx_poly_seq_scheme.entity_id 
_pdbx_poly_seq_scheme.seq_id 
_pdbx_poly_seq_scheme.mon_id 
_pdbx_poly_seq_scheme.ndb_seq_num 
_pdbx_poly_seq_scheme.pdb_seq_num 
_pdbx_poly_seq_scheme.auth_seq_num 
_pdbx_poly_seq_scheme.pdb_mon_id 
_pdbx_poly_seq_scheme.auth_mon_id 
_pdbx_poly_seq_scheme.pdb_strand_id 
_pdbx_poly_seq_scheme.pdb_ins_code 
_pdbx_poly_seq_scheme.hetero 
A 1 1  HIS 1  1  1  HIS HIS V . n 
A 1 2  GLU 2  2  2  GLU GLU V . n 
A 1 3  CYS 3  3  3  CYS CYS V . n 
A 1 4  GLN 4  4  4  GLN GLN V . n 
A 1 5  CYS 5  5  5  CYS CYS V . n 
A 1 6  GLN 6  6  6  GLN GLN V . n 
A 1 7  CYS 7  7  7  CYS CYS V . n 
A 1 8  GLY 8  8  8  GLY GLY V . n 
A 1 9  SER 9  9  9  SER SER V . n 
A 1 10 CYS 10 10 10 CYS CYS V . n 
A 1 11 LYS 11 11 11 LYS LYS V . n 
A 1 12 ASN 12 12 12 ASN ASN V . n 
A 1 13 ASN 13 13 13 ASN ASN V . n 
A 1 14 GLU 14 14 14 GLU GLU V . n 
A 1 15 GLN 15 15 15 GLN GLN V . n 
A 1 16 CYS 16 16 16 CYS CYS V . n 
A 1 17 GLN 17 17 17 GLN GLN V . n 
A 1 18 LYS 18 18 18 LYS LYS V . n 
A 1 19 SER 19 19 19 SER SER V . n 
A 1 20 CYS 20 20 20 CYS CYS V . n 
A 1 21 SER 21 21 21 SER SER V . n 
A 1 22 CYS 22 22 22 CYS CYS V . n 
A 1 23 PRO 23 23 23 PRO PRO V . n 
A 1 24 THR 24 24 24 THR THR V . n 
A 1 25 GLY 25 25 25 GLY GLY V . n 
A 1 26 CYS 26 26 26 CYS CYS V . n 
A 1 27 ASN 27 27 27 ASN ASN V . n 
A 1 28 SER 28 28 28 SER SER V . n 
A 1 29 ASP 29 29 29 ASP ASP V . n 
A 1 30 ASP 30 30 30 ASP ASP V . n 
A 1 31 LYS 31 31 31 LYS LYS V . n 
A 1 32 CYS 32 32 32 CYS CYS V . n 
A 1 33 PRO 33 33 33 PRO PRO V . n 
A 1 34 CYS 34 34 34 CYS CYS V . n 
A 1 35 GLY 35 35 35 GLY GLY V . n 
A 1 36 ASN 36 36 36 ASN ASN V . n 
# 
loop_
_pdbx_nonpoly_scheme.asym_id 
_pdbx_nonpoly_scheme.entity_id 
_pdbx_nonpoly_scheme.mon_id 
_pdbx_nonpoly_scheme.ndb_seq_num 
_pdbx_nonpoly_scheme.pdb_seq_num 
_pdbx_nonpoly_scheme.auth_seq_num 
_pdbx_nonpoly_scheme.pdb_mon_id 
_pdbx_nonpoly_scheme.auth_mon_id 
_pdbx_nonpoly_scheme.pdb_strand_id 
_pdbx_nonpoly_scheme.pdb_ins_code 
B 2 CU1 1  37 37 CU1 CU  V . 
C 2 CU1 1  38 38 CU1 CU  V . 
D 2 CU1 1  39 39 CU1 CU  V . 
E 2 CU1 1  40 40 CU1 CU  V . 
F 2 CU1 1  41 41 CU1 CU  V . 
G 2 CU1 1  42 42 CU1 CU  V . 
H 2 CU1 1  43 43 CU1 CU  V . 
I 2 CU1 1  44 44 CU1 CU  V . 
J 3 HOH 1  45 0  HOH HOH V . 
J 3 HOH 2  46 1  HOH HOH V . 
J 3 HOH 3  47 2  HOH HOH V . 
J 3 HOH 4  48 3  HOH HOH V . 
J 3 HOH 5  49 4  HOH HOH V . 
J 3 HOH 6  50 7  HOH HOH V . 
J 3 HOH 7  51 8  HOH HOH V . 
J 3 HOH 8  52 9  HOH HOH V . 
J 3 HOH 9  53 10 HOH HOH V . 
J 3 HOH 10 54 11 HOH HOH V . 
J 3 HOH 11 55 13 HOH HOH V . 
J 3 HOH 12 56 14 HOH HOH V . 
J 3 HOH 13 57 16 HOH HOH V . 
J 3 HOH 14 58 17 HOH HOH V . 
J 3 HOH 15 59 18 HOH HOH V . 
J 3 HOH 16 60 19 HOH HOH V . 
J 3 HOH 17 61 20 HOH HOH V . 
J 3 HOH 18 62 21 HOH HOH V . 
J 3 HOH 19 63 22 HOH HOH V . 
J 3 HOH 20 64 23 HOH HOH V . 
J 3 HOH 21 65 24 HOH HOH V . 
J 3 HOH 22 66 26 HOH HOH V . 
J 3 HOH 23 67 27 HOH HOH V . 
J 3 HOH 24 68 29 HOH HOH V . 
J 3 HOH 25 69 33 HOH HOH V . 
J 3 HOH 26 70 34 HOH HOH V . 
J 3 HOH 27 71 36 HOH HOH V . 
J 3 HOH 28 72 37 HOH HOH V . 
J 3 HOH 29 73 38 HOH HOH V . 
J 3 HOH 30 74 40 HOH HOH V . 
J 3 HOH 31 75 42 HOH HOH V . 
J 3 HOH 32 76 45 HOH HOH V . 
J 3 HOH 33 77 46 HOH HOH V . 
J 3 HOH 34 78 49 HOH HOH V . 
J 3 HOH 35 79 52 HOH HOH V . 
J 3 HOH 36 80 53 HOH HOH V . 
J 3 HOH 37 81 64 HOH HOH V . 
# 
loop_
_software.name 
_software.classification 
_software.version 
_software.citation_id 
_software.pdbx_ordinal 
REFMAC  refinement       5.1.24    ? 1 
MOSFLM  'data reduction' .         ? 2 
CCP4    'data scaling'   '(SCALA)' ? 3 
SOLVE   phasing          .         ? 4 
RESOLVE phasing          .         ? 5 
# 
_cell.entry_id           1RJU 
_cell.length_a           62.167 
_cell.length_b           62.167 
_cell.length_c           62.167 
_cell.angle_alpha        90.00 
_cell.angle_beta         90.00 
_cell.angle_gamma        90.00 
_cell.Z_PDB              24 
_cell.pdbx_unique_axis   ? 
# 
_symmetry.entry_id                         1RJU 
_symmetry.space_group_name_H-M             'P 43 3 2' 
_symmetry.pdbx_full_space_group_name_H-M   ? 
_symmetry.cell_setting                     ? 
_symmetry.Int_Tables_number                212 
_symmetry.space_group_name_Hall            ? 
# 
_exptl.entry_id          1RJU 
_exptl.method            'X-RAY DIFFRACTION' 
_exptl.crystals_number   1 
# 
_exptl_crystal.id                    1 
_exptl_crystal.density_meas          ? 
_exptl_crystal.density_percent_sol   52.73 
_exptl_crystal.description           ? 
_exptl_crystal.density_Matthews      2.60 
_exptl_crystal.F_000                 ? 
_exptl_crystal.preparation           ? 
# 
_exptl_crystal_grow.crystal_id      1 
_exptl_crystal_grow.method          'VAPOR DIFFUSION, SITTING DROP' 
_exptl_crystal_grow.temp            293 
_exptl_crystal_grow.temp_details    ? 
_exptl_crystal_grow.pH              7.2 
_exptl_crystal_grow.pdbx_details    '250 mM KH2PO4, 1mM LiBr, pH 7.2, VAPOR DIFFUSION, SITTING DROP, temperature 293K' 
_exptl_crystal_grow.pdbx_pH_range   . 
# 
_diffrn.id                     1 
_diffrn.ambient_temp           100 
_diffrn.ambient_temp_details   ? 
_diffrn.crystal_id             1 
# 
_diffrn_detector.diffrn_id              1 
_diffrn_detector.detector               CCD 
_diffrn_detector.type                   MARRESEARCH 
_diffrn_detector.pdbx_collection_date   2003-11-05 
_diffrn_detector.details                ? 
# 
_diffrn_radiation.diffrn_id                        1 
_diffrn_radiation.wavelength_id                    1 
_diffrn_radiation.pdbx_monochromatic_or_laue_m_l   M 
_diffrn_radiation.monochromator                    'Double crystal focusing monochromator' 
_diffrn_radiation.pdbx_diffrn_protocol             'SINGLE WAVELENGTH' 
_diffrn_radiation.pdbx_scattering_type             x-ray 
# 
_diffrn_radiation_wavelength.id           1 
_diffrn_radiation_wavelength.wavelength   0.91920 
_diffrn_radiation_wavelength.wt           1.0 
# 
_diffrn_source.diffrn_id                   1 
_diffrn_source.source                      SYNCHROTRON 
_diffrn_source.type                        'EMBL/DESY, HAMBURG BEAMLINE BW7A' 
_diffrn_source.pdbx_synchrotron_site       'EMBL/DESY, HAMBURG' 
_diffrn_source.pdbx_synchrotron_beamline   BW7A 
_diffrn_source.pdbx_wavelength             ? 
_diffrn_source.pdbx_wavelength_list        0.91920 
# 
_reflns.entry_id                     1RJU 
_reflns.observed_criterion_sigma_F   0 
_reflns.observed_criterion_sigma_I   0 
_reflns.d_resolution_high            1.44 
_reflns.d_resolution_low             27.84 
_reflns.number_all                   7922 
_reflns.number_obs                   7922 
_reflns.percent_possible_obs         100 
_reflns.pdbx_Rmerge_I_obs            0.07 
_reflns.pdbx_Rsym_value              0.07 
_reflns.pdbx_netI_over_sigmaI        9.3 
_reflns.B_iso_Wilson_estimate        9.155 
_reflns.pdbx_redundancy              21.8 
_reflns.R_free_details               ? 
_reflns.limit_h_max                  ? 
_reflns.limit_h_min                  ? 
_reflns.limit_k_max                  ? 
_reflns.limit_k_min                  ? 
_reflns.limit_l_max                  ? 
_reflns.limit_l_min                  ? 
_reflns.observed_criterion_F_max     ? 
_reflns.observed_criterion_F_min     ? 
_reflns.pdbx_chi_squared             ? 
_reflns.pdbx_scaling_rejects         ? 
_reflns.pdbx_diffrn_id               1 
_reflns.pdbx_ordinal                 1 
# 
_reflns_shell.d_res_high             1.44 
_reflns_shell.d_res_low              1.52 
_reflns_shell.percent_possible_all   100 
_reflns_shell.Rmerge_I_obs           0.358 
_reflns_shell.pdbx_Rsym_value        0.358 
_reflns_shell.meanI_over_sigI_obs    2.1 
_reflns_shell.pdbx_redundancy        22.4 
_reflns_shell.percent_possible_obs   ? 
_reflns_shell.number_unique_all      1117 
_reflns_shell.number_measured_all    ? 
_reflns_shell.number_measured_obs    ? 
_reflns_shell.number_unique_obs      ? 
_reflns_shell.pdbx_chi_squared       ? 
_reflns_shell.pdbx_diffrn_id         ? 
_reflns_shell.pdbx_ordinal           1 
# 
_refine.entry_id                                 1RJU 
_refine.ls_number_reflns_obs                     7239 
_refine.ls_number_reflns_all                     7239 
_refine.pdbx_ls_sigma_I                          0 
_refine.pdbx_ls_sigma_F                          0 
_refine.pdbx_data_cutoff_high_absF               ? 
_refine.pdbx_data_cutoff_low_absF                ? 
_refine.pdbx_data_cutoff_high_rms_absF           ? 
_refine.ls_d_res_low                             27.84 
_refine.ls_d_res_high                            1.44 
_refine.ls_percent_reflns_obs                    100.00 
_refine.ls_R_factor_obs                          0.14687 
_refine.ls_R_factor_all                          0.14687 
_refine.ls_R_factor_R_work                       0.14482 
_refine.ls_R_factor_R_free                       0.17072 
_refine.ls_R_factor_R_free_error                 ? 
_refine.ls_R_factor_R_free_error_details         ? 
_refine.ls_percent_reflns_R_free                 8.1 
_refine.ls_number_reflns_R_free                  634 
_refine.ls_number_parameters                     ? 
_refine.ls_number_restraints                     ? 
_refine.occupancy_min                            ? 
_refine.occupancy_max                            ? 
_refine.correlation_coeff_Fo_to_Fc               0.955 
_refine.correlation_coeff_Fo_to_Fc_free          0.944 
_refine.B_iso_mean                               12.889 
_refine.aniso_B[1][1]                            ? 
_refine.aniso_B[2][2]                            ? 
_refine.aniso_B[3][3]                            ? 
_refine.aniso_B[1][2]                            ? 
_refine.aniso_B[1][3]                            ? 
_refine.aniso_B[2][3]                            ? 
_refine.solvent_model_details                    'BABINET MODEL WITH MASK' 
_refine.solvent_model_param_ksol                 ? 
_refine.solvent_model_param_bsol                 ? 
_refine.pdbx_solvent_vdw_probe_radii             1.40 
_refine.pdbx_solvent_ion_probe_radii             0.80 
_refine.pdbx_solvent_shrinkage_radii             0.80 
_refine.pdbx_ls_cross_valid_method               THROUGHOUT 
_refine.details                                  
;HYDROGENS HAVE BEEN ADDED IN THE RIDING POSITIONS. SOME EXTRA ELECTRON DENSITY CORRESPONDING TO 7 ATOMS HAS BEEN LEFT UNINTERPRETED SINCE NEITHER WATER MOLECULES NOR OTHER MOLECULES PRESENT IN THE CRYSTALLISATION SOLUTION COULD ACCOUNT FOR IT.
;
_refine.pdbx_starting_model                      ? 
_refine.pdbx_method_to_determine_struct          SAD 
_refine.pdbx_isotropic_thermal_model             ? 
_refine.pdbx_stereochemistry_target_values       'MAXIMUM LIKELIHOOD' 
_refine.pdbx_stereochem_target_val_spec_case     ? 
_refine.pdbx_R_Free_selection_details            RANDOM 
_refine.pdbx_overall_ESU_R                       0.056 
_refine.pdbx_overall_ESU_R_Free                  0.052 
_refine.overall_SU_ML                            0.024 
_refine.overall_SU_B                             0.568 
_refine.ls_redundancy_reflns_obs                 ? 
_refine.B_iso_min                                ? 
_refine.B_iso_max                                ? 
_refine.overall_SU_R_Cruickshank_DPI             ? 
_refine.overall_SU_R_free                        ? 
_refine.ls_wR_factor_R_free                      ? 
_refine.ls_wR_factor_R_work                      ? 
_refine.overall_FOM_free_R_set                   ? 
_refine.overall_FOM_work_R_set                   ? 
_refine.pdbx_refine_id                           'X-RAY DIFFRACTION' 
_refine.pdbx_diffrn_id                           1 
_refine.pdbx_TLS_residual_ADP_flag               ? 
_refine.pdbx_overall_phase_error                 ? 
_refine.pdbx_overall_SU_R_free_Cruickshank_DPI   ? 
_refine.pdbx_overall_SU_R_Blow_DPI               ? 
_refine.pdbx_overall_SU_R_free_Blow_DPI          ? 
# 
_refine_analyze.entry_id                        1RJU 
_refine_analyze.Luzzati_coordinate_error_obs    0.056 
_refine_analyze.Luzzati_sigma_a_obs             ? 
_refine_analyze.Luzzati_d_res_low_obs           ? 
_refine_analyze.Luzzati_coordinate_error_free   0.052 
_refine_analyze.Luzzati_sigma_a_free            ? 
_refine_analyze.Luzzati_d_res_low_free          ? 
_refine_analyze.number_disordered_residues      ? 
_refine_analyze.occupancy_sum_non_hydrogen      ? 
_refine_analyze.occupancy_sum_hydrogen          ? 
_refine_analyze.pdbx_Luzzati_d_res_high_obs     ? 
_refine_analyze.pdbx_refine_id                  'X-RAY DIFFRACTION' 
# 
_refine_hist.pdbx_refine_id                   'X-RAY DIFFRACTION' 
_refine_hist.cycle_id                         LAST 
_refine_hist.pdbx_number_atoms_protein        257 
_refine_hist.pdbx_number_atoms_nucleic_acid   0 
_refine_hist.pdbx_number_atoms_ligand         8 
_refine_hist.number_atoms_solvent             37 
_refine_hist.number_atoms_total               302 
_refine_hist.d_res_high                       1.44 
_refine_hist.d_res_low                        27.84 
# 
loop_
_refine_ls_restr.type 
_refine_ls_restr.dev_ideal 
_refine_ls_restr.dev_ideal_target 
_refine_ls_restr.weight 
_refine_ls_restr.number 
_refine_ls_restr.pdbx_refine_id 
_refine_ls_restr.pdbx_restraint_function 
r_bond_refined_d         0.024 0.020 ? 259 'X-RAY DIFFRACTION' ? 
r_bond_other_d           0.065 0.020 ? 180 'X-RAY DIFFRACTION' ? 
r_angle_refined_deg      2.073 1.938 ? 345 'X-RAY DIFFRACTION' ? 
r_angle_other_deg        2.237 3.000 ? 448 'X-RAY DIFFRACTION' ? 
r_dihedral_angle_1_deg   6.006 5.000 ? 35  'X-RAY DIFFRACTION' ? 
r_chiral_restr           0.143 0.200 ? 34  'X-RAY DIFFRACTION' ? 
r_gen_planes_refined     0.048 0.020 ? 305 'X-RAY DIFFRACTION' ? 
r_gen_planes_other       0.108 0.020 ? 35  'X-RAY DIFFRACTION' ? 
r_nbd_refined            0.214 0.200 ? 64  'X-RAY DIFFRACTION' ? 
r_nbd_other              0.270 0.200 ? 234 'X-RAY DIFFRACTION' ? 
r_nbtor_other            0.095 0.200 ? 147 'X-RAY DIFFRACTION' ? 
r_xyhbond_nbd_refined    0.244 0.200 ? 28  'X-RAY DIFFRACTION' ? 
r_symmetry_vdw_refined   0.138 0.200 ? 7   'X-RAY DIFFRACTION' ? 
r_symmetry_vdw_other     0.323 0.200 ? 17  'X-RAY DIFFRACTION' ? 
r_symmetry_hbond_refined 0.337 0.200 ? 13  'X-RAY DIFFRACTION' ? 
r_mcbond_it              2.493 1.500 ? 179 'X-RAY DIFFRACTION' ? 
r_mcangle_it             3.519 2.000 ? 284 'X-RAY DIFFRACTION' ? 
r_scbond_it              5.003 3.000 ? 80  'X-RAY DIFFRACTION' ? 
r_scangle_it             8.032 4.500 ? 61  'X-RAY DIFFRACTION' ? 
r_rigid_bond_restr       2.684 2.000 ? 259 'X-RAY DIFFRACTION' ? 
r_sphericity_free        7.879 2.000 ? 47  'X-RAY DIFFRACTION' ? 
r_sphericity_bonded      4.623 2.000 ? 257 'X-RAY DIFFRACTION' ? 
# 
_refine_ls_shell.pdbx_total_number_of_bins_used   20 
_refine_ls_shell.d_res_high                       1.44 
_refine_ls_shell.d_res_low                        1.478 
_refine_ls_shell.number_reflns_R_work             526 
_refine_ls_shell.R_factor_R_work                  0.139 
_refine_ls_shell.percent_reflns_obs               ? 
_refine_ls_shell.R_factor_R_free                  0.176 
_refine_ls_shell.R_factor_R_free_error            ? 
_refine_ls_shell.percent_reflns_R_free            ? 
_refine_ls_shell.number_reflns_R_free             40 
_refine_ls_shell.number_reflns_obs                ? 
_refine_ls_shell.redundancy_reflns_obs            ? 
_refine_ls_shell.number_reflns_all                ? 
_refine_ls_shell.pdbx_refine_id                   'X-RAY DIFFRACTION' 
_refine_ls_shell.R_factor_all                     ? 
# 
_struct.entry_id                  1RJU 
_struct.title                     'Crystal structure of a truncated form of yeast copper thionein' 
_struct.pdbx_model_details        ? 
_struct.pdbx_CASP_flag            ? 
_struct.pdbx_model_type_details   ? 
# 
_struct_keywords.entry_id        1RJU 
_struct_keywords.pdbx_keywords   'METAL BINDING PROTEIN' 
_struct_keywords.text            
'Yeast Cu(I) metallothionein, Cu(I) metallothionein fragments, Cu(I)-thiolate, METAL BINDING PROTEIN' 
# 
loop_
_struct_asym.id 
_struct_asym.pdbx_blank_PDB_chainid_flag 
_struct_asym.pdbx_modified 
_struct_asym.entity_id 
_struct_asym.details 
A N N 1 ? 
B N N 2 ? 
C N N 2 ? 
D N N 2 ? 
E N N 2 ? 
F N N 2 ? 
G N N 2 ? 
H N N 2 ? 
I N N 2 ? 
J N N 3 ? 
# 
_struct_ref.id                         1 
_struct_ref.db_name                    UNP 
_struct_ref.db_code                    MTCU_YEAST 
_struct_ref.pdbx_db_accession          P07215 
_struct_ref.entity_id                  1 
_struct_ref.pdbx_seq_one_letter_code   HECQCQCGSCKNNEQCQKSCSCPTGCNSDDKCPCGN 
_struct_ref.pdbx_align_begin           13 
_struct_ref.pdbx_db_isoform            ? 
# 
_struct_ref_seq.align_id                      1 
_struct_ref_seq.ref_id                        1 
_struct_ref_seq.pdbx_PDB_id_code              1RJU 
_struct_ref_seq.pdbx_strand_id                V 
_struct_ref_seq.seq_align_beg                 1 
_struct_ref_seq.pdbx_seq_align_beg_ins_code   ? 
_struct_ref_seq.seq_align_end                 36 
_struct_ref_seq.pdbx_seq_align_end_ins_code   ? 
_struct_ref_seq.pdbx_db_accession             P07215 
_struct_ref_seq.db_align_beg                  13 
_struct_ref_seq.pdbx_db_align_beg_ins_code    ? 
_struct_ref_seq.db_align_end                  48 
_struct_ref_seq.pdbx_db_align_end_ins_code    ? 
_struct_ref_seq.pdbx_auth_seq_align_beg       1 
_struct_ref_seq.pdbx_auth_seq_align_end       36 
# 
_pdbx_struct_assembly.id                   1 
_pdbx_struct_assembly.details              author_defined_assembly 
_pdbx_struct_assembly.method_details       ? 
_pdbx_struct_assembly.oligomeric_details   monomeric 
_pdbx_struct_assembly.oligomeric_count     1 
# 
_pdbx_struct_assembly_gen.assembly_id       1 
_pdbx_struct_assembly_gen.oper_expression   1 
_pdbx_struct_assembly_gen.asym_id_list      A,B,C,D,E,F,G,H,I,J 
# 
_pdbx_struct_oper_list.id                   1 
_pdbx_struct_oper_list.type                 'identity operation' 
_pdbx_struct_oper_list.name                 1_555 
_pdbx_struct_oper_list.symmetry_operation   x,y,z 
_pdbx_struct_oper_list.matrix[1][1]         1.0000000000 
_pdbx_struct_oper_list.matrix[1][2]         0.0000000000 
_pdbx_struct_oper_list.matrix[1][3]         0.0000000000 
_pdbx_struct_oper_list.vector[1]            0.0000000000 
_pdbx_struct_oper_list.matrix[2][1]         0.0000000000 
_pdbx_struct_oper_list.matrix[2][2]         1.0000000000 
_pdbx_struct_oper_list.matrix[2][3]         0.0000000000 
_pdbx_struct_oper_list.vector[2]            0.0000000000 
_pdbx_struct_oper_list.matrix[3][1]         0.0000000000 
_pdbx_struct_oper_list.matrix[3][2]         0.0000000000 
_pdbx_struct_oper_list.matrix[3][3]         1.0000000000 
_pdbx_struct_oper_list.vector[3]            0.0000000000 
# 
loop_
_struct_conf.conf_type_id 
_struct_conf.id 
_struct_conf.pdbx_PDB_helix_id 
_struct_conf.beg_label_comp_id 
_struct_conf.beg_label_asym_id 
_struct_conf.beg_label_seq_id 
_struct_conf.pdbx_beg_PDB_ins_code 
_struct_conf.end_label_comp_id 
_struct_conf.end_label_asym_id 
_struct_conf.end_label_seq_id 
_struct_conf.pdbx_end_PDB_ins_code 
_struct_conf.beg_auth_comp_id 
_struct_conf.beg_auth_asym_id 
_struct_conf.beg_auth_seq_id 
_struct_conf.end_auth_comp_id 
_struct_conf.end_auth_asym_id 
_struct_conf.end_auth_seq_id 
_struct_conf.pdbx_PDB_helix_class 
_struct_conf.details 
_struct_conf.pdbx_PDB_helix_length 
HELX_P HELX_P1 1 ASN A 13 ? GLN A 17 ? ASN V 13 GLN V 17 5 ? 5 
HELX_P HELX_P2 2 SER A 28 ? CYS A 32 ? SER V 28 CYS V 32 5 ? 5 
# 
_struct_conf_type.id          HELX_P 
_struct_conf_type.criteria    ? 
_struct_conf_type.reference   ? 
# 
loop_
_struct_conn.id 
_struct_conn.conn_type_id 
_struct_conn.pdbx_leaving_atom_flag 
_struct_conn.pdbx_PDB_id 
_struct_conn.ptnr1_label_asym_id 
_struct_conn.ptnr1_label_comp_id 
_struct_conn.ptnr1_label_seq_id 
_struct_conn.ptnr1_label_atom_id 
_struct_conn.pdbx_ptnr1_label_alt_id 
_struct_conn.pdbx_ptnr1_PDB_ins_code 
_struct_conn.pdbx_ptnr1_standard_comp_id 
_struct_conn.ptnr1_symmetry 
_struct_conn.ptnr2_label_asym_id 
_struct_conn.ptnr2_label_comp_id 
_struct_conn.ptnr2_label_seq_id 
_struct_conn.ptnr2_label_atom_id 
_struct_conn.pdbx_ptnr2_label_alt_id 
_struct_conn.pdbx_ptnr2_PDB_ins_code 
_struct_conn.ptnr1_auth_asym_id 
_struct_conn.ptnr1_auth_comp_id 
_struct_conn.ptnr1_auth_seq_id 
_struct_conn.ptnr2_auth_asym_id 
_struct_conn.ptnr2_auth_comp_id 
_struct_conn.ptnr2_auth_seq_id 
_struct_conn.ptnr2_symmetry 
_struct_conn.pdbx_ptnr3_label_atom_id 
_struct_conn.pdbx_ptnr3_label_seq_id 
_struct_conn.pdbx_ptnr3_label_comp_id 
_struct_conn.pdbx_ptnr3_label_asym_id 
_struct_conn.pdbx_ptnr3_label_alt_id 
_struct_conn.pdbx_ptnr3_PDB_ins_code 
_struct_conn.details 
_struct_conn.pdbx_dist_value 
_struct_conn.pdbx_value_order 
_struct_conn.pdbx_role 
metalc1  metalc ? ? A CYS 3  SG ? ? ? 1_555 B CU1 . CU ? ? V CYS 3  V CU1 37 1_555 ? ? ? ? ? ? ? 2.246 ? ? 
metalc2  metalc ? ? A CYS 3  SG ? ? ? 1_555 C CU1 . CU ? ? V CYS 3  V CU1 38 1_555 ? ? ? ? ? ? ? 2.159 ? ? 
metalc3  metalc ? ? A CYS 5  SG ? ? ? 1_555 B CU1 . CU ? ? V CYS 5  V CU1 37 1_555 ? ? ? ? ? ? ? 2.278 ? ? 
metalc4  metalc ? ? A CYS 5  SG ? ? ? 1_555 D CU1 . CU ? ? V CYS 5  V CU1 39 1_555 ? ? ? ? ? ? ? 2.242 ? ? 
metalc5  metalc ? ? A CYS 7  SG ? ? ? 1_555 E CU1 . CU ? ? V CYS 7  V CU1 40 1_555 ? ? ? ? ? ? ? 2.278 ? ? 
metalc6  metalc ? ? A CYS 7  SG ? ? ? 1_555 I CU1 . CU ? ? V CYS 7  V CU1 44 1_555 ? ? ? ? ? ? ? 2.195 ? ? 
metalc7  metalc ? ? A CYS 10 SG ? ? ? 1_555 D CU1 . CU ? ? V CYS 10 V CU1 39 1_555 ? ? ? ? ? ? ? 2.260 ? ? 
metalc8  metalc ? ? A CYS 10 SG ? ? ? 1_555 E CU1 . CU ? ? V CYS 10 V CU1 40 1_555 ? ? ? ? ? ? ? 2.282 ? ? 
metalc9  metalc ? ? A CYS 10 SG ? ? ? 1_555 H CU1 . CU ? ? V CYS 10 V CU1 43 1_555 ? ? ? ? ? ? ? 2.260 ? ? 
metalc10 metalc ? ? A CYS 16 SG ? ? ? 1_555 C CU1 . CU ? ? V CYS 16 V CU1 38 1_555 ? ? ? ? ? ? ? 2.139 ? ? 
metalc11 metalc ? ? A CYS 16 SG ? ? ? 1_555 H CU1 . CU ? ? V CYS 16 V CU1 43 1_555 ? ? ? ? ? ? ? 2.225 ? ? 
metalc12 metalc ? ? A CYS 20 SG ? ? ? 1_555 B CU1 . CU ? ? V CYS 20 V CU1 37 1_555 ? ? ? ? ? ? ? 2.214 ? ? 
metalc13 metalc ? ? A CYS 20 SG ? ? ? 1_555 G CU1 . CU ? ? V CYS 20 V CU1 42 1_555 ? ? ? ? ? ? ? 2.197 ? ? 
metalc14 metalc ? ? A CYS 22 SG ? ? ? 1_555 D CU1 . CU ? ? V CYS 22 V CU1 39 1_555 ? ? ? ? ? ? ? 2.303 ? ? 
metalc15 metalc ? ? A CYS 22 SG ? ? ? 1_555 F CU1 . CU ? ? V CYS 22 V CU1 41 1_555 ? ? ? ? ? ? ? 2.243 ? ? 
metalc16 metalc ? ? A CYS 22 SG ? ? ? 1_555 G CU1 . CU ? ? V CYS 22 V CU1 42 1_555 ? ? ? ? ? ? ? 2.395 ? ? 
metalc17 metalc ? ? A CYS 26 SG ? ? ? 1_555 F CU1 . CU ? ? V CYS 26 V CU1 41 1_555 ? ? ? ? ? ? ? 2.272 ? ? 
metalc18 metalc ? ? A CYS 26 SG ? ? ? 1_555 I CU1 . CU ? ? V CYS 26 V CU1 44 1_555 ? ? ? ? ? ? ? 2.144 ? ? 
metalc19 metalc ? ? A CYS 26 O  ? ? ? 1_555 I CU1 . CU ? ? V CYS 26 V CU1 44 1_555 ? ? ? ? ? ? ? 2.585 ? ? 
metalc20 metalc ? ? A CYS 32 SG ? ? ? 1_555 E CU1 . CU ? ? V CYS 32 V CU1 40 1_555 ? ? ? ? ? ? ? 2.216 ? ? 
metalc21 metalc ? ? A CYS 32 SG ? ? ? 1_555 F CU1 . CU ? ? V CYS 32 V CU1 41 1_555 ? ? ? ? ? ? ? 2.272 ? ? 
metalc22 metalc ? ? A CYS 34 SG ? ? ? 1_555 G CU1 . CU ? ? V CYS 34 V CU1 42 1_555 ? ? ? ? ? ? ? 2.254 ? ? 
metalc23 metalc ? ? A CYS 34 SG ? ? ? 1_555 H CU1 . CU ? ? V CYS 34 V CU1 43 1_555 ? ? ? ? ? ? ? 2.230 ? ? 
metalc24 metalc ? ? D CU1 .  CU ? ? ? 1_555 F CU1 . CU ? ? V CU1 39 V CU1 41 1_555 ? ? ? ? ? ? ? 2.646 ? ? 
metalc25 metalc ? ? D CU1 .  CU ? ? ? 1_555 G CU1 . CU ? ? V CU1 39 V CU1 42 1_555 ? ? ? ? ? ? ? 2.735 ? ? 
metalc26 metalc ? ? E CU1 .  CU ? ? ? 1_555 F CU1 . CU ? ? V CU1 40 V CU1 41 1_555 ? ? ? ? ? ? ? 2.742 ? ? 
metalc27 metalc ? ? E CU1 .  CU ? ? ? 1_555 I CU1 . CU ? ? V CU1 40 V CU1 44 1_555 ? ? ? ? ? ? ? 2.587 ? ? 
metalc28 metalc ? ? F CU1 .  CU ? ? ? 1_555 I CU1 . CU ? ? V CU1 41 V CU1 44 1_555 ? ? ? ? ? ? ? 2.626 ? ? 
# 
_struct_conn_type.id          metalc 
_struct_conn_type.criteria    ? 
_struct_conn_type.reference   ? 
# 
loop_
_pdbx_struct_conn_angle.id 
_pdbx_struct_conn_angle.ptnr1_label_atom_id 
_pdbx_struct_conn_angle.ptnr1_label_alt_id 
_pdbx_struct_conn_angle.ptnr1_label_asym_id 
_pdbx_struct_conn_angle.ptnr1_label_comp_id 
_pdbx_struct_conn_angle.ptnr1_label_seq_id 
_pdbx_struct_conn_angle.ptnr1_auth_atom_id 
_pdbx_struct_conn_angle.ptnr1_auth_asym_id 
_pdbx_struct_conn_angle.ptnr1_auth_comp_id 
_pdbx_struct_conn_angle.ptnr1_auth_seq_id 
_pdbx_struct_conn_angle.ptnr1_PDB_ins_code 
_pdbx_struct_conn_angle.ptnr1_symmetry 
_pdbx_struct_conn_angle.ptnr2_label_atom_id 
_pdbx_struct_conn_angle.ptnr2_label_alt_id 
_pdbx_struct_conn_angle.ptnr2_label_asym_id 
_pdbx_struct_conn_angle.ptnr2_label_comp_id 
_pdbx_struct_conn_angle.ptnr2_label_seq_id 
_pdbx_struct_conn_angle.ptnr2_auth_atom_id 
_pdbx_struct_conn_angle.ptnr2_auth_asym_id 
_pdbx_struct_conn_angle.ptnr2_auth_comp_id 
_pdbx_struct_conn_angle.ptnr2_auth_seq_id 
_pdbx_struct_conn_angle.ptnr2_PDB_ins_code 
_pdbx_struct_conn_angle.ptnr2_symmetry 
_pdbx_struct_conn_angle.ptnr3_label_atom_id 
_pdbx_struct_conn_angle.ptnr3_label_alt_id 
_pdbx_struct_conn_angle.ptnr3_label_asym_id 
_pdbx_struct_conn_angle.ptnr3_label_comp_id 
_pdbx_struct_conn_angle.ptnr3_label_seq_id 
_pdbx_struct_conn_angle.ptnr3_auth_atom_id 
_pdbx_struct_conn_angle.ptnr3_auth_asym_id 
_pdbx_struct_conn_angle.ptnr3_auth_comp_id 
_pdbx_struct_conn_angle.ptnr3_auth_seq_id 
_pdbx_struct_conn_angle.ptnr3_PDB_ins_code 
_pdbx_struct_conn_angle.ptnr3_symmetry 
_pdbx_struct_conn_angle.value 
_pdbx_struct_conn_angle.value_esd 
1  SG ? A CYS 3  ? V CYS 3  ? 1_555 CU ? B CU1 . ? V CU1 37 ? 1_555 SG ? A CYS 5  ? V CYS 5  ? 1_555 114.3 ? 
2  SG ? A CYS 3  ? V CYS 3  ? 1_555 CU ? B CU1 . ? V CU1 37 ? 1_555 SG ? A CYS 20 ? V CYS 20 ? 1_555 127.5 ? 
3  SG ? A CYS 5  ? V CYS 5  ? 1_555 CU ? B CU1 . ? V CU1 37 ? 1_555 SG ? A CYS 20 ? V CYS 20 ? 1_555 118.1 ? 
4  SG ? A CYS 3  ? V CYS 3  ? 1_555 CU ? C CU1 . ? V CU1 38 ? 1_555 SG ? A CYS 16 ? V CYS 16 ? 1_555 172.7 ? 
5  SG ? A CYS 5  ? V CYS 5  ? 1_555 CU ? D CU1 . ? V CU1 39 ? 1_555 SG ? A CYS 10 ? V CYS 10 ? 1_555 123.7 ? 
6  SG ? A CYS 5  ? V CYS 5  ? 1_555 CU ? D CU1 . ? V CU1 39 ? 1_555 SG ? A CYS 22 ? V CYS 22 ? 1_555 111.1 ? 
7  SG ? A CYS 10 ? V CYS 10 ? 1_555 CU ? D CU1 . ? V CU1 39 ? 1_555 SG ? A CYS 22 ? V CYS 22 ? 1_555 125.0 ? 
8  SG ? A CYS 5  ? V CYS 5  ? 1_555 CU ? D CU1 . ? V CU1 39 ? 1_555 CU ? F CU1 .  ? V CU1 41 ? 1_555 111.4 ? 
9  SG ? A CYS 10 ? V CYS 10 ? 1_555 CU ? D CU1 . ? V CU1 39 ? 1_555 CU ? F CU1 .  ? V CU1 41 ? 1_555 104.8 ? 
10 SG ? A CYS 22 ? V CYS 22 ? 1_555 CU ? D CU1 . ? V CU1 39 ? 1_555 CU ? F CU1 .  ? V CU1 41 ? 1_555 53.4  ? 
11 SG ? A CYS 5  ? V CYS 5  ? 1_555 CU ? D CU1 . ? V CU1 39 ? 1_555 CU ? G CU1 .  ? V CU1 42 ? 1_555 114.6 ? 
12 SG ? A CYS 10 ? V CYS 10 ? 1_555 CU ? D CU1 . ? V CU1 39 ? 1_555 CU ? G CU1 .  ? V CU1 42 ? 1_555 95.1  ? 
13 SG ? A CYS 22 ? V CYS 22 ? 1_555 CU ? D CU1 . ? V CU1 39 ? 1_555 CU ? G CU1 .  ? V CU1 42 ? 1_555 56.0  ? 
14 CU ? F CU1 .  ? V CU1 41 ? 1_555 CU ? D CU1 . ? V CU1 39 ? 1_555 CU ? G CU1 .  ? V CU1 42 ? 1_555 104.8 ? 
15 SG ? A CYS 7  ? V CYS 7  ? 1_555 CU ? E CU1 . ? V CU1 40 ? 1_555 SG ? A CYS 10 ? V CYS 10 ? 1_555 100.3 ? 
16 SG ? A CYS 7  ? V CYS 7  ? 1_555 CU ? E CU1 . ? V CU1 40 ? 1_555 SG ? A CYS 32 ? V CYS 32 ? 1_555 137.4 ? 
17 SG ? A CYS 10 ? V CYS 10 ? 1_555 CU ? E CU1 . ? V CU1 40 ? 1_555 SG ? A CYS 32 ? V CYS 32 ? 1_555 120.9 ? 
18 SG ? A CYS 7  ? V CYS 7  ? 1_555 CU ? E CU1 . ? V CU1 40 ? 1_555 CU ? F CU1 .  ? V CU1 41 ? 1_555 111.9 ? 
19 SG ? A CYS 10 ? V CYS 10 ? 1_555 CU ? E CU1 . ? V CU1 40 ? 1_555 CU ? F CU1 .  ? V CU1 41 ? 1_555 101.2 ? 
20 SG ? A CYS 32 ? V CYS 32 ? 1_555 CU ? E CU1 . ? V CU1 40 ? 1_555 CU ? F CU1 .  ? V CU1 41 ? 1_555 53.3  ? 
21 SG ? A CYS 7  ? V CYS 7  ? 1_555 CU ? E CU1 . ? V CU1 40 ? 1_555 CU ? I CU1 .  ? V CU1 44 ? 1_555 53.2  ? 
22 SG ? A CYS 10 ? V CYS 10 ? 1_555 CU ? E CU1 . ? V CU1 40 ? 1_555 CU ? I CU1 .  ? V CU1 44 ? 1_555 114.0 ? 
23 SG ? A CYS 32 ? V CYS 32 ? 1_555 CU ? E CU1 . ? V CU1 40 ? 1_555 CU ? I CU1 .  ? V CU1 44 ? 1_555 96.7  ? 
24 CU ? F CU1 .  ? V CU1 41 ? 1_555 CU ? E CU1 . ? V CU1 40 ? 1_555 CU ? I CU1 .  ? V CU1 44 ? 1_555 59.0  ? 
25 SG ? A CYS 7  ? V CYS 7  ? 1_555 CU ? I CU1 . ? V CU1 44 ? 1_555 SG ? A CYS 26 ? V CYS 26 ? 1_555 166.5 ? 
26 SG ? A CYS 7  ? V CYS 7  ? 1_555 CU ? I CU1 . ? V CU1 44 ? 1_555 O  ? A CYS 26 ? V CYS 26 ? 1_555 98.6  ? 
27 SG ? A CYS 26 ? V CYS 26 ? 1_555 CU ? I CU1 . ? V CU1 44 ? 1_555 O  ? A CYS 26 ? V CYS 26 ? 1_555 91.8  ? 
28 SG ? A CYS 10 ? V CYS 10 ? 1_555 CU ? H CU1 . ? V CU1 43 ? 1_555 SG ? A CYS 16 ? V CYS 16 ? 1_555 123.6 ? 
29 SG ? A CYS 10 ? V CYS 10 ? 1_555 CU ? H CU1 . ? V CU1 43 ? 1_555 SG ? A CYS 34 ? V CYS 34 ? 1_555 115.7 ? 
30 SG ? A CYS 16 ? V CYS 16 ? 1_555 CU ? H CU1 . ? V CU1 43 ? 1_555 SG ? A CYS 34 ? V CYS 34 ? 1_555 120.7 ? 
31 SG ? A CYS 20 ? V CYS 20 ? 1_555 CU ? G CU1 . ? V CU1 42 ? 1_555 SG ? A CYS 22 ? V CYS 22 ? 1_555 101.4 ? 
32 SG ? A CYS 20 ? V CYS 20 ? 1_555 CU ? G CU1 . ? V CU1 42 ? 1_555 SG ? A CYS 34 ? V CYS 34 ? 1_555 149.7 ? 
33 SG ? A CYS 22 ? V CYS 22 ? 1_555 CU ? G CU1 . ? V CU1 42 ? 1_555 SG ? A CYS 34 ? V CYS 34 ? 1_555 108.3 ? 
34 SG ? A CYS 22 ? V CYS 22 ? 1_555 CU ? F CU1 . ? V CU1 41 ? 1_555 SG ? A CYS 26 ? V CYS 26 ? 1_555 124.0 ? 
35 SG ? A CYS 22 ? V CYS 22 ? 1_555 CU ? F CU1 . ? V CU1 41 ? 1_555 SG ? A CYS 32 ? V CYS 32 ? 1_555 118.9 ? 
36 SG ? A CYS 26 ? V CYS 26 ? 1_555 CU ? F CU1 . ? V CU1 41 ? 1_555 SG ? A CYS 32 ? V CYS 32 ? 1_555 116.7 ? 
37 SG ? A CYS 22 ? V CYS 22 ? 1_555 CU ? F CU1 . ? V CU1 41 ? 1_555 CU ? I CU1 .  ? V CU1 44 ? 1_555 127.6 ? 
38 SG ? A CYS 26 ? V CYS 26 ? 1_555 CU ? F CU1 . ? V CU1 41 ? 1_555 CU ? I CU1 .  ? V CU1 44 ? 1_555 51.3  ? 
39 SG ? A CYS 32 ? V CYS 32 ? 1_555 CU ? F CU1 . ? V CU1 41 ? 1_555 CU ? I CU1 .  ? V CU1 44 ? 1_555 94.2  ? 
# 
loop_
_struct_site.id 
_struct_site.pdbx_evidence_code 
_struct_site.pdbx_auth_asym_id 
_struct_site.pdbx_auth_comp_id 
_struct_site.pdbx_auth_seq_id 
_struct_site.pdbx_auth_ins_code 
_struct_site.pdbx_num_residues 
_struct_site.details 
AC1 Software V CU1 37 ? 6  'BINDING SITE FOR RESIDUE CU1 V 37' 
AC2 Software V CU1 38 ? 6  'BINDING SITE FOR RESIDUE CU1 V 38' 
AC3 Software V CU1 39 ? 10 'BINDING SITE FOR RESIDUE CU1 V 39' 
AC4 Software V CU1 40 ? 6  'BINDING SITE FOR RESIDUE CU1 V 40' 
AC5 Software V CU1 41 ? 7  'BINDING SITE FOR RESIDUE CU1 V 41' 
AC6 Software V CU1 42 ? 7  'BINDING SITE FOR RESIDUE CU1 V 42' 
AC7 Software V CU1 43 ? 6  'BINDING SITE FOR RESIDUE CU1 V 43' 
AC8 Software V CU1 44 ? 7  'BINDING SITE FOR RESIDUE CU1 V 44' 
# 
loop_
_struct_site_gen.id 
_struct_site_gen.site_id 
_struct_site_gen.pdbx_num_res 
_struct_site_gen.label_comp_id 
_struct_site_gen.label_asym_id 
_struct_site_gen.label_seq_id 
_struct_site_gen.pdbx_auth_ins_code 
_struct_site_gen.auth_comp_id 
_struct_site_gen.auth_asym_id 
_struct_site_gen.auth_seq_id 
_struct_site_gen.label_atom_id 
_struct_site_gen.label_alt_id 
_struct_site_gen.symmetry 
_struct_site_gen.details 
1  AC1 6  CYS A 3  ? CYS V 3  . ? 1_555 ? 
2  AC1 6  CYS A 5  ? CYS V 5  . ? 1_555 ? 
3  AC1 6  CYS A 20 ? CYS V 20 . ? 1_555 ? 
4  AC1 6  CU1 C .  ? CU1 V 38 . ? 1_555 ? 
5  AC1 6  CU1 D .  ? CU1 V 39 . ? 1_555 ? 
6  AC1 6  CU1 G .  ? CU1 V 42 . ? 1_555 ? 
7  AC2 6  CYS A 3  ? CYS V 3  . ? 1_555 ? 
8  AC2 6  CYS A 10 ? CYS V 10 . ? 1_555 ? 
9  AC2 6  CYS A 16 ? CYS V 16 . ? 1_555 ? 
10 AC2 6  GLN A 17 ? GLN V 17 . ? 1_555 ? 
11 AC2 6  CU1 B .  ? CU1 V 37 . ? 1_555 ? 
12 AC2 6  CU1 H .  ? CU1 V 43 . ? 1_555 ? 
13 AC3 10 CYS A 5  ? CYS V 5  . ? 1_555 ? 
14 AC3 10 CYS A 10 ? CYS V 10 . ? 1_555 ? 
15 AC3 10 CYS A 20 ? CYS V 20 . ? 1_555 ? 
16 AC3 10 CYS A 22 ? CYS V 22 . ? 1_555 ? 
17 AC3 10 CU1 B .  ? CU1 V 37 . ? 1_555 ? 
18 AC3 10 CU1 E .  ? CU1 V 40 . ? 1_555 ? 
19 AC3 10 CU1 F .  ? CU1 V 41 . ? 1_555 ? 
20 AC3 10 CU1 G .  ? CU1 V 42 . ? 1_555 ? 
21 AC3 10 CU1 H .  ? CU1 V 43 . ? 1_555 ? 
22 AC3 10 CU1 I .  ? CU1 V 44 . ? 1_555 ? 
23 AC4 6  CYS A 7  ? CYS V 7  . ? 1_555 ? 
24 AC4 6  CYS A 10 ? CYS V 10 . ? 1_555 ? 
25 AC4 6  CYS A 32 ? CYS V 32 . ? 1_555 ? 
26 AC4 6  CU1 D .  ? CU1 V 39 . ? 1_555 ? 
27 AC4 6  CU1 F .  ? CU1 V 41 . ? 1_555 ? 
28 AC4 6  CU1 I .  ? CU1 V 44 . ? 1_555 ? 
29 AC5 7  CYS A 22 ? CYS V 22 . ? 1_555 ? 
30 AC5 7  CYS A 26 ? CYS V 26 . ? 1_555 ? 
31 AC5 7  CYS A 32 ? CYS V 32 . ? 1_555 ? 
32 AC5 7  PRO A 33 ? PRO V 33 . ? 1_555 ? 
33 AC5 7  CU1 D .  ? CU1 V 39 . ? 1_555 ? 
34 AC5 7  CU1 E .  ? CU1 V 40 . ? 1_555 ? 
35 AC5 7  CU1 I .  ? CU1 V 44 . ? 1_555 ? 
36 AC6 7  CYS A 10 ? CYS V 10 . ? 1_555 ? 
37 AC6 7  CYS A 20 ? CYS V 20 . ? 1_555 ? 
38 AC6 7  CYS A 22 ? CYS V 22 . ? 1_555 ? 
39 AC6 7  CYS A 34 ? CYS V 34 . ? 1_555 ? 
40 AC6 7  CU1 B .  ? CU1 V 37 . ? 1_555 ? 
41 AC6 7  CU1 D .  ? CU1 V 39 . ? 1_555 ? 
42 AC6 7  CU1 H .  ? CU1 V 43 . ? 1_555 ? 
43 AC7 6  CYS A 10 ? CYS V 10 . ? 1_555 ? 
44 AC7 6  CYS A 16 ? CYS V 16 . ? 1_555 ? 
45 AC7 6  CYS A 34 ? CYS V 34 . ? 1_555 ? 
46 AC7 6  CU1 C .  ? CU1 V 38 . ? 1_555 ? 
47 AC7 6  CU1 D .  ? CU1 V 39 . ? 1_555 ? 
48 AC7 6  CU1 G .  ? CU1 V 42 . ? 1_555 ? 
49 AC8 7  CYS A 5  ? CYS V 5  . ? 1_555 ? 
50 AC8 7  CYS A 7  ? CYS V 7  . ? 1_555 ? 
51 AC8 7  CYS A 26 ? CYS V 26 . ? 1_555 ? 
52 AC8 7  CYS A 32 ? CYS V 32 . ? 1_555 ? 
53 AC8 7  CU1 D .  ? CU1 V 39 . ? 1_555 ? 
54 AC8 7  CU1 E .  ? CU1 V 40 . ? 1_555 ? 
55 AC8 7  CU1 F .  ? CU1 V 41 . ? 1_555 ? 
# 
_pdbx_validate_rmsd_angle.id                         1 
_pdbx_validate_rmsd_angle.PDB_model_num              1 
_pdbx_validate_rmsd_angle.auth_atom_id_1             CB 
_pdbx_validate_rmsd_angle.auth_asym_id_1             V 
_pdbx_validate_rmsd_angle.auth_comp_id_1             ASP 
_pdbx_validate_rmsd_angle.auth_seq_id_1              30 
_pdbx_validate_rmsd_angle.PDB_ins_code_1             ? 
_pdbx_validate_rmsd_angle.label_alt_id_1             ? 
_pdbx_validate_rmsd_angle.auth_atom_id_2             CG 
_pdbx_validate_rmsd_angle.auth_asym_id_2             V 
_pdbx_validate_rmsd_angle.auth_comp_id_2             ASP 
_pdbx_validate_rmsd_angle.auth_seq_id_2              30 
_pdbx_validate_rmsd_angle.PDB_ins_code_2             ? 
_pdbx_validate_rmsd_angle.label_alt_id_2             ? 
_pdbx_validate_rmsd_angle.auth_atom_id_3             OD2 
_pdbx_validate_rmsd_angle.auth_asym_id_3             V 
_pdbx_validate_rmsd_angle.auth_comp_id_3             ASP 
_pdbx_validate_rmsd_angle.auth_seq_id_3              30 
_pdbx_validate_rmsd_angle.PDB_ins_code_3             ? 
_pdbx_validate_rmsd_angle.label_alt_id_3             ? 
_pdbx_validate_rmsd_angle.angle_value                126.30 
_pdbx_validate_rmsd_angle.angle_target_value         118.30 
_pdbx_validate_rmsd_angle.angle_deviation            8.00 
_pdbx_validate_rmsd_angle.angle_standard_deviation   0.90 
_pdbx_validate_rmsd_angle.linker_flag                N 
# 
_pdbx_validate_torsion.id              1 
_pdbx_validate_torsion.PDB_model_num   1 
_pdbx_validate_torsion.auth_comp_id    SER 
_pdbx_validate_torsion.auth_asym_id    V 
_pdbx_validate_torsion.auth_seq_id     19 
_pdbx_validate_torsion.PDB_ins_code    ? 
_pdbx_validate_torsion.label_alt_id    ? 
_pdbx_validate_torsion.phi             -156.49 
_pdbx_validate_torsion.psi             30.84 
# 
loop_
_pdbx_struct_special_symmetry.id 
_pdbx_struct_special_symmetry.PDB_model_num 
_pdbx_struct_special_symmetry.auth_asym_id 
_pdbx_struct_special_symmetry.auth_comp_id 
_pdbx_struct_special_symmetry.auth_seq_id 
_pdbx_struct_special_symmetry.PDB_ins_code 
_pdbx_struct_special_symmetry.label_asym_id 
_pdbx_struct_special_symmetry.label_comp_id 
_pdbx_struct_special_symmetry.label_seq_id 
1 1 V HOH 77 ? J HOH . 
2 1 V HOH 78 ? J HOH . 
3 1 V HOH 79 ? J HOH . 
# 
loop_
_chem_comp_atom.comp_id 
_chem_comp_atom.atom_id 
_chem_comp_atom.type_symbol 
_chem_comp_atom.pdbx_aromatic_flag 
_chem_comp_atom.pdbx_stereo_config 
_chem_comp_atom.pdbx_ordinal 
ASN N    N  N N 1   
ASN CA   C  N S 2   
ASN C    C  N N 3   
ASN O    O  N N 4   
ASN CB   C  N N 5   
ASN CG   C  N N 6   
ASN OD1  O  N N 7   
ASN ND2  N  N N 8   
ASN OXT  O  N N 9   
ASN H    H  N N 10  
ASN H2   H  N N 11  
ASN HA   H  N N 12  
ASN HB2  H  N N 13  
ASN HB3  H  N N 14  
ASN HD21 H  N N 15  
ASN HD22 H  N N 16  
ASN HXT  H  N N 17  
ASP N    N  N N 18  
ASP CA   C  N S 19  
ASP C    C  N N 20  
ASP O    O  N N 21  
ASP CB   C  N N 22  
ASP CG   C  N N 23  
ASP OD1  O  N N 24  
ASP OD2  O  N N 25  
ASP OXT  O  N N 26  
ASP H    H  N N 27  
ASP H2   H  N N 28  
ASP HA   H  N N 29  
ASP HB2  H  N N 30  
ASP HB3  H  N N 31  
ASP HD2  H  N N 32  
ASP HXT  H  N N 33  
CU1 CU   CU N N 34  
CYS N    N  N N 35  
CYS CA   C  N R 36  
CYS C    C  N N 37  
CYS O    O  N N 38  
CYS CB   C  N N 39  
CYS SG   S  N N 40  
CYS OXT  O  N N 41  
CYS H    H  N N 42  
CYS H2   H  N N 43  
CYS HA   H  N N 44  
CYS HB2  H  N N 45  
CYS HB3  H  N N 46  
CYS HG   H  N N 47  
CYS HXT  H  N N 48  
GLN N    N  N N 49  
GLN CA   C  N S 50  
GLN C    C  N N 51  
GLN O    O  N N 52  
GLN CB   C  N N 53  
GLN CG   C  N N 54  
GLN CD   C  N N 55  
GLN OE1  O  N N 56  
GLN NE2  N  N N 57  
GLN OXT  O  N N 58  
GLN H    H  N N 59  
GLN H2   H  N N 60  
GLN HA   H  N N 61  
GLN HB2  H  N N 62  
GLN HB3  H  N N 63  
GLN HG2  H  N N 64  
GLN HG3  H  N N 65  
GLN HE21 H  N N 66  
GLN HE22 H  N N 67  
GLN HXT  H  N N 68  
GLU N    N  N N 69  
GLU CA   C  N S 70  
GLU C    C  N N 71  
GLU O    O  N N 72  
GLU CB   C  N N 73  
GLU CG   C  N N 74  
GLU CD   C  N N 75  
GLU OE1  O  N N 76  
GLU OE2  O  N N 77  
GLU OXT  O  N N 78  
GLU H    H  N N 79  
GLU H2   H  N N 80  
GLU HA   H  N N 81  
GLU HB2  H  N N 82  
GLU HB3  H  N N 83  
GLU HG2  H  N N 84  
GLU HG3  H  N N 85  
GLU HE2  H  N N 86  
GLU HXT  H  N N 87  
GLY N    N  N N 88  
GLY CA   C  N N 89  
GLY C    C  N N 90  
GLY O    O  N N 91  
GLY OXT  O  N N 92  
GLY H    H  N N 93  
GLY H2   H  N N 94  
GLY HA2  H  N N 95  
GLY HA3  H  N N 96  
GLY HXT  H  N N 97  
HIS N    N  N N 98  
HIS CA   C  N S 99  
HIS C    C  N N 100 
HIS O    O  N N 101 
HIS CB   C  N N 102 
HIS CG   C  Y N 103 
HIS ND1  N  Y N 104 
HIS CD2  C  Y N 105 
HIS CE1  C  Y N 106 
HIS NE2  N  Y N 107 
HIS OXT  O  N N 108 
HIS H    H  N N 109 
HIS H2   H  N N 110 
HIS HA   H  N N 111 
HIS HB2  H  N N 112 
HIS HB3  H  N N 113 
HIS HD1  H  N N 114 
HIS HD2  H  N N 115 
HIS HE1  H  N N 116 
HIS HE2  H  N N 117 
HIS HXT  H  N N 118 
HOH O    O  N N 119 
HOH H1   H  N N 120 
HOH H2   H  N N 121 
LYS N    N  N N 122 
LYS CA   C  N S 123 
LYS C    C  N N 124 
LYS O    O  N N 125 
LYS CB   C  N N 126 
LYS CG   C  N N 127 
LYS CD   C  N N 128 
LYS CE   C  N N 129 
LYS NZ   N  N N 130 
LYS OXT  O  N N 131 
LYS H    H  N N 132 
LYS H2   H  N N 133 
LYS HA   H  N N 134 
LYS HB2  H  N N 135 
LYS HB3  H  N N 136 
LYS HG2  H  N N 137 
LYS HG3  H  N N 138 
LYS HD2  H  N N 139 
LYS HD3  H  N N 140 
LYS HE2  H  N N 141 
LYS HE3  H  N N 142 
LYS HZ1  H  N N 143 
LYS HZ2  H  N N 144 
LYS HZ3  H  N N 145 
LYS HXT  H  N N 146 
PRO N    N  N N 147 
PRO CA   C  N S 148 
PRO C    C  N N 149 
PRO O    O  N N 150 
PRO CB   C  N N 151 
PRO CG   C  N N 152 
PRO CD   C  N N 153 
PRO OXT  O  N N 154 
PRO H    H  N N 155 
PRO HA   H  N N 156 
PRO HB2  H  N N 157 
PRO HB3  H  N N 158 
PRO HG2  H  N N 159 
PRO HG3  H  N N 160 
PRO HD2  H  N N 161 
PRO HD3  H  N N 162 
PRO HXT  H  N N 163 
SER N    N  N N 164 
SER CA   C  N S 165 
SER C    C  N N 166 
SER O    O  N N 167 
SER CB   C  N N 168 
SER OG   O  N N 169 
SER OXT  O  N N 170 
SER H    H  N N 171 
SER H2   H  N N 172 
SER HA   H  N N 173 
SER HB2  H  N N 174 
SER HB3  H  N N 175 
SER HG   H  N N 176 
SER HXT  H  N N 177 
THR N    N  N N 178 
THR CA   C  N S 179 
THR C    C  N N 180 
THR O    O  N N 181 
THR CB   C  N R 182 
THR OG1  O  N N 183 
THR CG2  C  N N 184 
THR OXT  O  N N 185 
THR H    H  N N 186 
THR H2   H  N N 187 
THR HA   H  N N 188 
THR HB   H  N N 189 
THR HG1  H  N N 190 
THR HG21 H  N N 191 
THR HG22 H  N N 192 
THR HG23 H  N N 193 
THR HXT  H  N N 194 
# 
loop_
_chem_comp_bond.comp_id 
_chem_comp_bond.atom_id_1 
_chem_comp_bond.atom_id_2 
_chem_comp_bond.value_order 
_chem_comp_bond.pdbx_aromatic_flag 
_chem_comp_bond.pdbx_stereo_config 
_chem_comp_bond.pdbx_ordinal 
ASN N   CA   sing N N 1   
ASN N   H    sing N N 2   
ASN N   H2   sing N N 3   
ASN CA  C    sing N N 4   
ASN CA  CB   sing N N 5   
ASN CA  HA   sing N N 6   
ASN C   O    doub N N 7   
ASN C   OXT  sing N N 8   
ASN CB  CG   sing N N 9   
ASN CB  HB2  sing N N 10  
ASN CB  HB3  sing N N 11  
ASN CG  OD1  doub N N 12  
ASN CG  ND2  sing N N 13  
ASN ND2 HD21 sing N N 14  
ASN ND2 HD22 sing N N 15  
ASN OXT HXT  sing N N 16  
ASP N   CA   sing N N 17  
ASP N   H    sing N N 18  
ASP N   H2   sing N N 19  
ASP CA  C    sing N N 20  
ASP CA  CB   sing N N 21  
ASP CA  HA   sing N N 22  
ASP C   O    doub N N 23  
ASP C   OXT  sing N N 24  
ASP CB  CG   sing N N 25  
ASP CB  HB2  sing N N 26  
ASP CB  HB3  sing N N 27  
ASP CG  OD1  doub N N 28  
ASP CG  OD2  sing N N 29  
ASP OD2 HD2  sing N N 30  
ASP OXT HXT  sing N N 31  
CYS N   CA   sing N N 32  
CYS N   H    sing N N 33  
CYS N   H2   sing N N 34  
CYS CA  C    sing N N 35  
CYS CA  CB   sing N N 36  
CYS CA  HA   sing N N 37  
CYS C   O    doub N N 38  
CYS C   OXT  sing N N 39  
CYS CB  SG   sing N N 40  
CYS CB  HB2  sing N N 41  
CYS CB  HB3  sing N N 42  
CYS SG  HG   sing N N 43  
CYS OXT HXT  sing N N 44  
GLN N   CA   sing N N 45  
GLN N   H    sing N N 46  
GLN N   H2   sing N N 47  
GLN CA  C    sing N N 48  
GLN CA  CB   sing N N 49  
GLN CA  HA   sing N N 50  
GLN C   O    doub N N 51  
GLN C   OXT  sing N N 52  
GLN CB  CG   sing N N 53  
GLN CB  HB2  sing N N 54  
GLN CB  HB3  sing N N 55  
GLN CG  CD   sing N N 56  
GLN CG  HG2  sing N N 57  
GLN CG  HG3  sing N N 58  
GLN CD  OE1  doub N N 59  
GLN CD  NE2  sing N N 60  
GLN NE2 HE21 sing N N 61  
GLN NE2 HE22 sing N N 62  
GLN OXT HXT  sing N N 63  
GLU N   CA   sing N N 64  
GLU N   H    sing N N 65  
GLU N   H2   sing N N 66  
GLU CA  C    sing N N 67  
GLU CA  CB   sing N N 68  
GLU CA  HA   sing N N 69  
GLU C   O    doub N N 70  
GLU C   OXT  sing N N 71  
GLU CB  CG   sing N N 72  
GLU CB  HB2  sing N N 73  
GLU CB  HB3  sing N N 74  
GLU CG  CD   sing N N 75  
GLU CG  HG2  sing N N 76  
GLU CG  HG3  sing N N 77  
GLU CD  OE1  doub N N 78  
GLU CD  OE2  sing N N 79  
GLU OE2 HE2  sing N N 80  
GLU OXT HXT  sing N N 81  
GLY N   CA   sing N N 82  
GLY N   H    sing N N 83  
GLY N   H2   sing N N 84  
GLY CA  C    sing N N 85  
GLY CA  HA2  sing N N 86  
GLY CA  HA3  sing N N 87  
GLY C   O    doub N N 88  
GLY C   OXT  sing N N 89  
GLY OXT HXT  sing N N 90  
HIS N   CA   sing N N 91  
HIS N   H    sing N N 92  
HIS N   H2   sing N N 93  
HIS CA  C    sing N N 94  
HIS CA  CB   sing N N 95  
HIS CA  HA   sing N N 96  
HIS C   O    doub N N 97  
HIS C   OXT  sing N N 98  
HIS CB  CG   sing N N 99  
HIS CB  HB2  sing N N 100 
HIS CB  HB3  sing N N 101 
HIS CG  ND1  sing Y N 102 
HIS CG  CD2  doub Y N 103 
HIS ND1 CE1  doub Y N 104 
HIS ND1 HD1  sing N N 105 
HIS CD2 NE2  sing Y N 106 
HIS CD2 HD2  sing N N 107 
HIS CE1 NE2  sing Y N 108 
HIS CE1 HE1  sing N N 109 
HIS NE2 HE2  sing N N 110 
HIS OXT HXT  sing N N 111 
HOH O   H1   sing N N 112 
HOH O   H2   sing N N 113 
LYS N   CA   sing N N 114 
LYS N   H    sing N N 115 
LYS N   H2   sing N N 116 
LYS CA  C    sing N N 117 
LYS CA  CB   sing N N 118 
LYS CA  HA   sing N N 119 
LYS C   O    doub N N 120 
LYS C   OXT  sing N N 121 
LYS CB  CG   sing N N 122 
LYS CB  HB2  sing N N 123 
LYS CB  HB3  sing N N 124 
LYS CG  CD   sing N N 125 
LYS CG  HG2  sing N N 126 
LYS CG  HG3  sing N N 127 
LYS CD  CE   sing N N 128 
LYS CD  HD2  sing N N 129 
LYS CD  HD3  sing N N 130 
LYS CE  NZ   sing N N 131 
LYS CE  HE2  sing N N 132 
LYS CE  HE3  sing N N 133 
LYS NZ  HZ1  sing N N 134 
LYS NZ  HZ2  sing N N 135 
LYS NZ  HZ3  sing N N 136 
LYS OXT HXT  sing N N 137 
PRO N   CA   sing N N 138 
PRO N   CD   sing N N 139 
PRO N   H    sing N N 140 
PRO CA  C    sing N N 141 
PRO CA  CB   sing N N 142 
PRO CA  HA   sing N N 143 
PRO C   O    doub N N 144 
PRO C   OXT  sing N N 145 
PRO CB  CG   sing N N 146 
PRO CB  HB2  sing N N 147 
PRO CB  HB3  sing N N 148 
PRO CG  CD   sing N N 149 
PRO CG  HG2  sing N N 150 
PRO CG  HG3  sing N N 151 
PRO CD  HD2  sing N N 152 
PRO CD  HD3  sing N N 153 
PRO OXT HXT  sing N N 154 
SER N   CA   sing N N 155 
SER N   H    sing N N 156 
SER N   H2   sing N N 157 
SER CA  C    sing N N 158 
SER CA  CB   sing N N 159 
SER CA  HA   sing N N 160 
SER C   O    doub N N 161 
SER C   OXT  sing N N 162 
SER CB  OG   sing N N 163 
SER CB  HB2  sing N N 164 
SER CB  HB3  sing N N 165 
SER OG  HG   sing N N 166 
SER OXT HXT  sing N N 167 
THR N   CA   sing N N 168 
THR N   H    sing N N 169 
THR N   H2   sing N N 170 
THR CA  C    sing N N 171 
THR CA  CB   sing N N 172 
THR CA  HA   sing N N 173 
THR C   O    doub N N 174 
THR C   OXT  sing N N 175 
THR CB  OG1  sing N N 176 
THR CB  CG2  sing N N 177 
THR CB  HB   sing N N 178 
THR OG1 HG1  sing N N 179 
THR CG2 HG21 sing N N 180 
THR CG2 HG22 sing N N 181 
THR CG2 HG23 sing N N 182 
THR OXT HXT  sing N N 183 
# 
_atom_sites.entry_id                    1RJU 
_atom_sites.fract_transf_matrix[1][1]   0.00601122 
_atom_sites.fract_transf_matrix[1][2]   -0.01326790 
_atom_sites.fract_transf_matrix[1][3]   -0.00682550 
_atom_sites.fract_transf_matrix[2][1]   0.00241297 
_atom_sites.fract_transf_matrix[2][2]   -0.00639729 
_atom_sites.fract_transf_matrix[2][3]   0.01456062 
_atom_sites.fract_transf_matrix[3][1]   -0.01472421 
_atom_sites.fract_transf_matrix[3][2]   -0.00646505 
_atom_sites.fract_transf_matrix[3][3]   -0.00040038 
_atom_sites.fract_transf_vector[1]      0.017117 
_atom_sites.fract_transf_vector[2]      -0.193817 
_atom_sites.fract_transf_vector[3]      0.042593 
# 
loop_
_atom_type.symbol 
C  
CU 
N  
O  
S  
# 
loop_
_atom_site.group_PDB 
_atom_site.id 
_atom_site.type_symbol 
_atom_site.label_atom_id 
_atom_site.label_alt_id 
_atom_site.label_comp_id 
_atom_site.label_asym_id 
_atom_site.label_entity_id 
_atom_site.label_seq_id 
_atom_site.pdbx_PDB_ins_code 
_atom_site.Cartn_x 
_atom_site.Cartn_y 
_atom_site.Cartn_z 
_atom_site.occupancy 
_atom_site.B_iso_or_equiv 
_atom_site.pdbx_formal_charge 
_atom_site.auth_seq_id 
_atom_site.auth_comp_id 
_atom_site.auth_asym_id 
_atom_site.auth_atom_id 
_atom_site.pdbx_PDB_model_num 
ATOM   1   N  N   . HIS A 1 1  ? 2.794   -5.732  -7.012 1.00 10.17 ? 1  HIS V N   1 
ATOM   2   C  CA  . HIS A 1 1  ? 3.254   -6.806  -6.103 1.00 9.73  ? 1  HIS V CA  1 
ATOM   3   C  C   . HIS A 1 1  ? 2.229   -7.062  -4.980 1.00 10.02 ? 1  HIS V C   1 
ATOM   4   O  O   . HIS A 1 1  ? 1.378   -6.246  -4.719 1.00 11.10 ? 1  HIS V O   1 
ATOM   5   C  CB  . HIS A 1 1  ? 4.628   -6.526  -5.517 1.00 8.68  ? 1  HIS V CB  1 
ATOM   6   C  CG  . HIS A 1 1  ? 4.728   -5.258  -4.744 1.00 8.49  ? 1  HIS V CG  1 
ATOM   7   N  ND1 . HIS A 1 1  ? 4.370   -5.203  -3.413 1.00 9.14  ? 1  HIS V ND1 1 
ATOM   8   C  CD2 . HIS A 1 1  ? 5.204   -4.017  -5.062 1.00 9.93  ? 1  HIS V CD2 1 
ATOM   9   C  CE1 . HIS A 1 1  ? 4.540   -3.965  -2.955 1.00 10.10 ? 1  HIS V CE1 1 
ATOM   10  N  NE2 . HIS A 1 1  ? 5.094   -3.233  -3.905 1.00 9.66  ? 1  HIS V NE2 1 
ATOM   11  N  N   . GLU A 1 2  ? 2.390   -8.177  -4.312 1.00 10.18 ? 2  GLU V N   1 
ATOM   12  C  CA  . GLU A 1 2  ? 1.583   -8.509  -3.166 1.00 10.92 ? 2  GLU V CA  1 
ATOM   13  C  C   . GLU A 1 2  ? 1.767   -7.357  -2.152 1.00 11.90 ? 2  GLU V C   1 
ATOM   14  O  O   . GLU A 1 2  ? 2.852   -6.912  -1.855 1.00 9.81  ? 2  GLU V O   1 
ATOM   15  C  CB  . GLU A 1 2  ? 2.057   -9.790  -2.532 1.00 13.25 ? 2  GLU V CB  1 
ATOM   16  C  CG  . GLU A 1 2  ? 1.360   -10.099 -1.212 1.00 16.41 ? 2  GLU V CG  1 
ATOM   17  C  CD  . GLU A 1 2  ? 1.823   -11.398 -0.603 1.00 18.05 ? 2  GLU V CD  1 
ATOM   18  O  OE1 . GLU A 1 2  ? 1.933   -12.406 -1.348 1.00 24.66 ? 2  GLU V OE1 1 
ATOM   19  O  OE2 . GLU A 1 2  ? 2.053   -11.382 0.613  1.00 23.26 ? 2  GLU V OE2 1 
ATOM   20  N  N   . CYS A 1 3  ? 0.692   -6.958  -1.529 1.00 11.21 ? 3  CYS V N   1 
ATOM   21  C  CA  . CYS A 1 3  ? 0.699   -5.832  -0.661 1.00 11.08 ? 3  CYS V CA  1 
ATOM   22  C  C   . CYS A 1 3  ? 0.995   -6.212  0.748  1.00 11.23 ? 3  CYS V C   1 
ATOM   23  O  O   . CYS A 1 3  ? 0.292   -7.009  1.340  1.00 12.91 ? 3  CYS V O   1 
ATOM   24  C  CB  . CYS A 1 3  ? -0.706  -5.146  -0.679 1.00 10.45 ? 3  CYS V CB  1 
ATOM   25  S  SG  . CYS A 1 3  ? -0.721  -3.610  0.284  1.00 10.57 ? 3  CYS V SG  1 
ATOM   26  N  N   . GLN A 1 4  ? 2.068   -5.640  1.313  1.00 10.36 ? 4  GLN V N   1 
ATOM   27  C  CA  . GLN A 1 4  ? 2.380   -5.855  2.696  1.00 11.14 ? 4  GLN V CA  1 
ATOM   28  C  C   . GLN A 1 4  ? 2.546   -4.522  3.456  1.00 11.26 ? 4  GLN V C   1 
ATOM   29  O  O   . GLN A 1 4  ? 3.132   -4.416  4.497  1.00 14.26 ? 4  GLN V O   1 
ATOM   30  C  CB  . GLN A 1 4  ? 3.620   -6.754  2.886  1.00 12.20 ? 4  GLN V CB  1 
ATOM   31  C  CG  . GLN A 1 4  ? 3.293   -8.158  2.384  1.00 15.40 ? 4  GLN V CG  1 
ATOM   32  C  CD  . GLN A 1 4  ? 4.420   -9.102  2.457  1.00 18.64 ? 4  GLN V CD  1 
ATOM   33  O  OE1 . GLN A 1 4  ? 5.519   -8.747  2.797  1.00 20.65 ? 4  GLN V OE1 1 
ATOM   34  N  NE2 . GLN A 1 4  ? 4.146   -10.329 2.061  1.00 20.80 ? 4  GLN V NE2 1 
ATOM   35  N  N   . CYS A 1 5  ? 1.941   -3.491  2.937  1.00 9.99  ? 5  CYS V N   1 
ATOM   36  C  CA  . CYS A 1 5  ? 1.847   -2.164  3.567  1.00 9.91  ? 5  CYS V CA  1 
ATOM   37  C  C   . CYS A 1 5  ? 1.139   -2.251  4.889  1.00 10.25 ? 5  CYS V C   1 
ATOM   38  O  O   . CYS A 1 5  ? 0.126   -2.918  5.002  1.00 11.63 ? 5  CYS V O   1 
ATOM   39  C  CB  . CYS A 1 5  ? 1.051   -1.281  2.633  1.00 9.76  ? 5  CYS V CB  1 
ATOM   40  S  SG  . CYS A 1 5  ? 1.867   -0.929  1.027  1.00 9.56  ? 5  CYS V SG  1 
ATOM   41  N  N   . GLN A 1 6  ? 1.531   -1.361  5.779  1.00 10.55 ? 6  GLN V N   1 
ATOM   42  C  CA  . GLN A 1 6  ? 0.801   -1.140  7.039  1.00 10.35 ? 6  GLN V CA  1 
ATOM   43  C  C   . GLN A 1 6  ? 0.219   0.256   7.220  1.00 8.59  ? 6  GLN V C   1 
ATOM   44  O  O   . GLN A 1 6  ? -0.334  0.580   8.259  1.00 10.39 ? 6  GLN V O   1 
ATOM   45  C  CB  . GLN A 1 6  ? 1.652   -1.530  8.238  1.00 12.08 ? 6  GLN V CB  1 
ATOM   46  C  CG  . GLN A 1 6  ? 2.173   -2.968  8.137  1.00 15.19 ? 6  GLN V CG  1 
ATOM   47  C  CD  . GLN A 1 6  ? 2.945   -3.451  9.224  1.00 23.77 ? 6  GLN V CD  1 
ATOM   48  O  OE1 . GLN A 1 6  ? 4.150   -3.695  9.044  1.00 25.23 ? 6  GLN V OE1 1 
ATOM   49  N  NE2 . GLN A 1 6  ? 2.291   -3.618  10.403 1.00 29.09 ? 6  GLN V NE2 1 
ATOM   50  N  N   . CYS A 1 7  ? 0.325   1.054   6.178  1.00 8.81  ? 7  CYS V N   1 
ATOM   51  C  CA  . CYS A 1 7  ? -0.353  2.325   6.165  1.00 9.33  ? 7  CYS V CA  1 
ATOM   52  C  C   . CYS A 1 7  ? -1.863  2.165   6.204  1.00 9.34  ? 7  CYS V C   1 
ATOM   53  O  O   . CYS A 1 7  ? -2.418  1.150   5.774  1.00 10.01 ? 7  CYS V O   1 
ATOM   54  C  CB  . CYS A 1 7  ? 0.015   3.123   4.898  1.00 9.83  ? 7  CYS V CB  1 
ATOM   55  S  SG  . CYS A 1 7  ? -0.250  2.177   3.411  1.00 9.34  ? 7  CYS V SG  1 
ATOM   56  N  N   . GLY A 1 8  ? -2.567  3.211   6.564  1.00 9.74  ? 8  GLY V N   1 
ATOM   57  C  CA  . GLY A 1 8  ? -4.004  3.171   6.614  1.00 10.69 ? 8  GLY V CA  1 
ATOM   58  C  C   . GLY A 1 8  ? -4.626  2.987   5.254  1.00 9.93  ? 8  GLY V C   1 
ATOM   59  O  O   . GLY A 1 8  ? -5.594  2.261   5.119  1.00 11.20 ? 8  GLY V O   1 
ATOM   60  N  N   . SER A 1 9  ? -4.059  3.620   4.232  1.00 10.52 ? 9  SER V N   1 
ATOM   61  C  CA  . SER A 1 9  ? -4.660  3.501   2.894  1.00 9.60  ? 9  SER V CA  1 
ATOM   62  C  C   . SER A 1 9  ? -4.635  2.105   2.340  1.00 11.17 ? 9  SER V C   1 
ATOM   63  O  O   . SER A 1 9  ? -5.570  1.730   1.612  1.00 14.19 ? 9  SER V O   1 
ATOM   64  C  CB  . SER A 1 9  ? -3.944  4.406   1.873  1.00 9.53  ? 9  SER V CB  1 
ATOM   65  O  OG  . SER A 1 9  ? -4.176  5.777   2.182  1.00 13.66 ? 9  SER V OG  1 
ATOM   66  N  N   . CYS A 1 10 ? -3.631  1.337   2.645  1.00 10.13 ? 10 CYS V N   1 
ATOM   67  C  CA  . CYS A 1 10 ? -3.502  0.035   2.046  1.00 10.89 ? 10 CYS V CA  1 
ATOM   68  C  C   . CYS A 1 10 ? -3.836  -1.164  2.882  1.00 11.63 ? 10 CYS V C   1 
ATOM   69  O  O   . CYS A 1 10 ? -4.171  -2.204  2.341  1.00 14.08 ? 10 CYS V O   1 
ATOM   70  C  CB  . CYS A 1 10 ? -2.028  -0.157  1.584  1.00 10.08 ? 10 CYS V CB  1 
ATOM   71  S  SG  . CYS A 1 10 ? -1.500  1.060   0.338  1.00 9.88  ? 10 CYS V SG  1 
ATOM   72  N  N   . LYS A 1 11 ? -3.748  -1.077  4.194  1.00 13.43 ? 11 LYS V N   1 
ATOM   73  C  CA  . LYS A 1 11 ? -3.923  -2.267  5.109  1.00 14.82 ? 11 LYS V CA  1 
ATOM   74  C  C   . LYS A 1 11 ? -5.381  -2.701  4.985  1.00 16.52 ? 11 LYS V C   1 
ATOM   75  O  O   . LYS A 1 11 ? -6.313  -1.970  5.035  1.00 18.33 ? 11 LYS V O   1 
ATOM   76  C  CB  . LYS A 1 11 ? -3.521  -1.917  6.542  1.00 17.81 ? 11 LYS V CB  1 
ATOM   77  C  CG  . LYS A 1 11 ? -3.901  -2.940  7.674  1.00 24.38 ? 11 LYS V CG  1 
ATOM   78  C  CD  . LYS A 1 11 ? -2.786  -3.237  8.661  1.00 32.40 ? 11 LYS V CD  1 
ATOM   79  C  CE  . LYS A 1 11 ? -3.196  -3.069  10.141 1.00 36.88 ? 11 LYS V CE  1 
ATOM   80  N  NZ  . LYS A 1 11 ? -2.605  -1.895  10.894 1.00 39.75 ? 11 LYS V NZ  1 
ATOM   81  N  N   . ASN A 1 12 ? -5.547  -3.987  4.731  1.00 19.71 ? 12 ASN V N   1 
ATOM   82  C  CA  . ASN A 1 12 ? -6.826  -4.584  4.423  1.00 23.04 ? 12 ASN V CA  1 
ATOM   83  C  C   . ASN A 1 12 ? -7.665  -3.889  3.310  1.00 21.30 ? 12 ASN V C   1 
ATOM   84  O  O   . ASN A 1 12 ? -8.911  -3.925  3.340  1.00 24.79 ? 12 ASN V O   1 
ATOM   85  C  CB  . ASN A 1 12 ? -7.580  -4.669  5.738  1.00 23.90 ? 12 ASN V CB  1 
ATOM   86  C  CG  . ASN A 1 12 ? -6.850  -5.564  6.766  1.00 26.67 ? 12 ASN V CG  1 
ATOM   87  O  OD1 . ASN A 1 12 ? -6.403  -6.617  6.436  1.00 33.58 ? 12 ASN V OD1 1 
ATOM   88  N  ND2 . ASN A 1 12 ? -6.622  -5.048  7.938  1.00 30.94 ? 12 ASN V ND2 1 
ATOM   89  N  N   . ASN A 1 13 ? -7.025  -3.157  2.394  1.00 18.37 ? 13 ASN V N   1 
ATOM   90  C  CA  . ASN A 1 13 ? -7.628  -2.537  1.237  1.00 17.97 ? 13 ASN V CA  1 
ATOM   91  C  C   . ASN A 1 13 ? -7.667  -3.555  0.104  1.00 18.83 ? 13 ASN V C   1 
ATOM   92  O  O   . ASN A 1 13 ? -6.634  -3.851  -0.549 1.00 16.93 ? 13 ASN V O   1 
ATOM   93  C  CB  . ASN A 1 13 ? -6.772  -1.331  0.776  1.00 16.58 ? 13 ASN V CB  1 
ATOM   94  C  CG  . ASN A 1 13 ? -7.411  -0.589  -0.342 1.00 17.40 ? 13 ASN V CG  1 
ATOM   95  O  OD1 . ASN A 1 13 ? -8.286  -1.145  -1.061 1.00 24.05 ? 13 ASN V OD1 1 
ATOM   96  N  ND2 . ASN A 1 13 ? -7.012  0.621   -0.589 1.00 18.52 ? 13 ASN V ND2 1 
ATOM   97  N  N   . GLU A 1 14 ? -8.833  -4.074  -0.185 1.00 21.06 ? 14 GLU V N   1 
ATOM   98  C  CA  . GLU A 1 14 ? -8.916  -5.106  -1.219 1.00 20.35 ? 14 GLU V CA  1 
ATOM   99  C  C   . GLU A 1 14 ? -8.469  -4.649  -2.608 1.00 22.00 ? 14 GLU V C   1 
ATOM   100 O  O   . GLU A 1 14 ? -7.950  -5.503  -3.332 1.00 24.20 ? 14 GLU V O   1 
ATOM   101 C  CB  . GLU A 1 14 ? -10.310 -5.762  -1.265 1.00 23.27 ? 14 GLU V CB  1 
ATOM   102 C  CG  . GLU A 1 14 ? -10.556 -6.542  0.014  1.00 28.30 ? 14 GLU V CG  1 
ATOM   103 C  CD  . GLU A 1 14 ? -9.978  -7.955  0.084  1.00 36.78 ? 14 GLU V CD  1 
ATOM   104 O  OE1 . GLU A 1 14 ? -8.849  -8.229  -0.406 1.00 39.57 ? 14 GLU V OE1 1 
ATOM   105 O  OE2 . GLU A 1 14 ? -10.703 -8.825  0.681  1.00 42.76 ? 14 GLU V OE2 1 
ATOM   106 N  N   . GLN A 1 15 ? -8.517  -3.362  -2.925 1.00 20.51 ? 15 GLN V N   1 
ATOM   107 C  CA  . GLN A 1 15 ? -8.199  -2.881  -4.256 1.00 20.71 ? 15 GLN V CA  1 
ATOM   108 C  C   . GLN A 1 15 ? -6.755  -3.059  -4.637 1.00 19.10 ? 15 GLN V C   1 
ATOM   109 O  O   . GLN A 1 15 ? -6.433  -3.241  -5.808 1.00 20.86 ? 15 GLN V O   1 
ATOM   110 C  CB  . GLN A 1 15 ? -8.573  -1.458  -4.501 1.00 23.38 ? 15 GLN V CB  1 
ATOM   111 C  CG  . GLN A 1 15 ? -9.147  -1.306  -5.836 1.00 30.70 ? 15 GLN V CG  1 
ATOM   112 C  CD  . GLN A 1 15 ? -10.619 -1.645  -5.901 1.00 36.53 ? 15 GLN V CD  1 
ATOM   113 O  OE1 . GLN A 1 15 ? -11.384 -0.841  -6.416 1.00 41.12 ? 15 GLN V OE1 1 
ATOM   114 N  NE2 . GLN A 1 15 ? -11.033 -2.824  -5.374 1.00 39.33 ? 15 GLN V NE2 1 
ATOM   115 N  N   . CYS A 1 16 ? -5.843  -3.007  -3.675 1.00 16.49 ? 16 CYS V N   1 
ATOM   116 C  CA  . CYS A 1 16 ? -4.409  -3.066  -4.029 1.00 14.91 ? 16 CYS V CA  1 
ATOM   117 C  C   . CYS A 1 16 ? -3.715  -4.289  -3.454 1.00 13.23 ? 16 CYS V C   1 
ATOM   118 O  O   . CYS A 1 16 ? -2.487  -4.361  -3.427 1.00 13.75 ? 16 CYS V O   1 
ATOM   119 C  CB  . CYS A 1 16 ? -3.659  -1.793  -3.560 1.00 14.57 ? 16 CYS V CB  1 
ATOM   120 S  SG  . CYS A 1 16 ? -3.763  -1.396  -1.776 1.00 11.91 ? 16 CYS V SG  1 
ATOM   121 N  N   . GLN A 1 17 ? -4.458  -5.239  -2.892 1.00 14.63 ? 17 GLN V N   1 
ATOM   122 C  CA  . GLN A 1 17 ? -3.799  -6.399  -2.248 1.00 15.97 ? 17 GLN V CA  1 
ATOM   123 C  C   . GLN A 1 17 ? -2.884  -7.233  -3.157 1.00 15.47 ? 17 GLN V C   1 
ATOM   124 O  O   . GLN A 1 17 ? -1.860  -7.746  -2.665 1.00 15.63 ? 17 GLN V O   1 
ATOM   125 C  CB  . GLN A 1 17 ? -4.822  -7.306  -1.567 1.00 16.65 ? 17 GLN V CB  1 
ATOM   126 C  CG  . GLN A 1 17 ? -5.401  -6.678  -0.293 1.00 20.85 ? 17 GLN V CG  1 
ATOM   127 C  CD  . GLN A 1 17 ? -4.280  -6.072  0.644  1.00 17.62 ? 17 GLN V CD  1 
ATOM   128 O  OE1 . GLN A 1 17 ? -3.505  -6.827  1.242  1.00 23.09 ? 17 GLN V OE1 1 
ATOM   129 N  NE2 . GLN A 1 17 ? -4.247  -4.744  0.782  1.00 17.25 ? 17 GLN V NE2 1 
ATOM   130 N  N   . LYS A 1 18 ? -3.215  -7.299  -4.441 1.00 15.91 ? 18 LYS V N   1 
ATOM   131 C  CA  . LYS A 1 18 ? -2.436  -8.060  -5.422 1.00 16.81 ? 18 LYS V CA  1 
ATOM   132 C  C   . LYS A 1 18 ? -2.058  -7.212  -6.627 1.00 16.61 ? 18 LYS V C   1 
ATOM   133 O  O   . LYS A 1 18 ? -1.940  -7.735  -7.747 1.00 19.51 ? 18 LYS V O   1 
ATOM   134 C  CB  . LYS A 1 18 ? -3.147  -9.378  -5.809 1.00 18.62 ? 18 LYS V CB  1 
ATOM   135 C  CG  . LYS A 1 18 ? -2.918  -10.481 -4.666 1.00 21.60 ? 18 LYS V CG  1 
ATOM   136 C  CD  . LYS A 1 18 ? -3.516  -11.848 -4.887 1.00 26.80 ? 18 LYS V CD  1 
ATOM   137 C  CE  . LYS A 1 18 ? -4.893  -11.678 -5.391 1.00 33.02 ? 18 LYS V CE  1 
ATOM   138 N  NZ  . LYS A 1 18 ? -4.916  -11.845 -6.905 1.00 36.97 ? 18 LYS V NZ  1 
ATOM   139 N  N   . SER A 1 19 ? -1.909  -5.914  -6.419 1.00 16.00 ? 19 SER V N   1 
ATOM   140 C  CA  . SER A 1 19 ? -1.618  -4.991  -7.501 1.00 15.12 ? 19 SER V CA  1 
ATOM   141 C  C   . SER A 1 19 ? -0.936  -3.717  -6.968 1.00 15.57 ? 19 SER V C   1 
ATOM   142 O  O   . SER A 1 19 ? -1.114  -2.624  -7.491 1.00 17.73 ? 19 SER V O   1 
ATOM   143 C  CB  . SER A 1 19 ? -2.935  -4.607  -8.207 1.00 17.61 ? 19 SER V CB  1 
ATOM   144 O  OG  . SER A 1 19 ? -3.825  -3.989  -7.348 1.00 19.12 ? 19 SER V OG  1 
ATOM   145 N  N   . CYS A 1 20 ? -0.183  -3.897  -5.889 1.00 12.45 ? 20 CYS V N   1 
ATOM   146 C  CA  . CYS A 1 20 ? 0.384   -2.764  -5.161 1.00 11.35 ? 20 CYS V CA  1 
ATOM   147 C  C   . CYS A 1 20 ? 1.704   -2.294  -5.759 1.00 8.81  ? 20 CYS V C   1 
ATOM   148 O  O   . CYS A 1 20 ? 2.574   -3.111  -6.068 1.00 10.57 ? 20 CYS V O   1 
ATOM   149 C  CB  . CYS A 1 20 ? 0.617   -3.175  -3.735 1.00 9.85  ? 20 CYS V CB  1 
ATOM   150 S  SG  . CYS A 1 20 ? 1.358   -1.888  -2.669 1.00 9.86  ? 20 CYS V SG  1 
ATOM   151 N  N   . SER A 1 21 ? 1.856   -1.013  -5.938 1.00 10.50 ? 21 SER V N   1 
ATOM   152 C  CA  . SER A 1 21 ? 3.037   -0.349  -6.494 1.00 9.83  ? 21 SER V CA  1 
ATOM   153 C  C   . SER A 1 21 ? 3.879   0.363   -5.432 1.00 9.32  ? 21 SER V C   1 
ATOM   154 O  O   . SER A 1 21 ? 4.828   1.065   -5.762 1.00 10.64 ? 21 SER V O   1 
ATOM   155 C  CB  . SER A 1 21 ? 2.589   0.681   -7.533 1.00 11.26 ? 21 SER V CB  1 
ATOM   156 O  OG  . SER A 1 21 ? 1.795   1.691   -6.906 1.00 16.33 ? 21 SER V OG  1 
ATOM   157 N  N   . CYS A 1 22 ? 3.572   0.165   -4.167 1.00 9.73  ? 22 CYS V N   1 
ATOM   158 C  CA  . CYS A 1 22 ? 4.235   0.885   -3.093 1.00 8.36  ? 22 CYS V CA  1 
ATOM   159 C  C   . CYS A 1 22 ? 5.676   0.342   -2.907 1.00 8.01  ? 22 CYS V C   1 
ATOM   160 O  O   . CYS A 1 22 ? 5.931   -0.820  -3.161 1.00 9.80  ? 22 CYS V O   1 
ATOM   161 C  CB  . CYS A 1 22 ? 3.477   0.716   -1.768 1.00 9.39  ? 22 CYS V CB  1 
ATOM   162 S  SG  . CYS A 1 22 ? 1.899   1.520   -1.811 1.00 9.19  ? 22 CYS V SG  1 
ATOM   163 N  N   . PRO A 1 23 ? 6.568   1.156   -2.385 1.00 8.28  ? 23 PRO V N   1 
ATOM   164 C  CA  . PRO A 1 23 ? 7.830   0.609   -1.925 1.00 8.53  ? 23 PRO V CA  1 
ATOM   165 C  C   . PRO A 1 23 ? 7.535   -0.358  -0.805 1.00 8.56  ? 23 PRO V C   1 
ATOM   166 O  O   . PRO A 1 23 ? 6.550   -0.261  -0.099 1.00 9.68  ? 23 PRO V O   1 
ATOM   167 C  CB  . PRO A 1 23 ? 8.559   1.815   -1.362 1.00 10.74 ? 23 PRO V CB  1 
ATOM   168 C  CG  . PRO A 1 23 ? 7.494   2.713   -0.984 1.00 14.57 ? 23 PRO V CG  1 
ATOM   169 C  CD  . PRO A 1 23 ? 6.386   2.573   -1.925 1.00 10.40 ? 23 PRO V CD  1 
ATOM   170 N  N   . THR A 1 24 ? 8.396   -1.342  -0.601 1.00 9.13  ? 24 THR V N   1 
ATOM   171 C  CA  . THR A 1 24 ? 8.280   -2.236  0.531  1.00 9.20  ? 24 THR V CA  1 
ATOM   172 C  C   . THR A 1 24 ? 8.449   -1.384  1.798  1.00 9.73  ? 24 THR V C   1 
ATOM   173 O  O   . THR A 1 24 ? 9.103   -0.376  1.809  1.00 11.49 ? 24 THR V O   1 
ATOM   174 C  CB  . THR A 1 24 ? 9.325   -3.376  0.452  1.00 10.04 ? 24 THR V CB  1 
ATOM   175 O  OG1 . THR A 1 24 ? 8.906   -4.436  1.301  1.00 12.91 ? 24 THR V OG1 1 
ATOM   176 C  CG2 . THR A 1 24 ? 10.678  -2.892  0.854  1.00 10.85 ? 24 THR V CG2 1 
ATOM   177 N  N   . GLY A 1 25 ? 7.769   -1.778  2.853  1.00 10.04 ? 25 GLY V N   1 
ATOM   178 C  CA  . GLY A 1 25 ? 7.820   -1.043  4.068  1.00 10.28 ? 25 GLY V CA  1 
ATOM   179 C  C   . GLY A 1 25 ? 7.028   0.254   4.013  1.00 9.69  ? 25 GLY V C   1 
ATOM   180 O  O   . GLY A 1 25 ? 7.313   1.201   4.753  1.00 10.10 ? 25 GLY V O   1 
ATOM   181 N  N   . CYS A 1 26 ? 6.020   0.339   3.170  1.00 9.52  ? 26 CYS V N   1 
ATOM   182 C  CA  . CYS A 1 26 ? 5.183   1.559   3.055  1.00 8.80  ? 26 CYS V CA  1 
ATOM   183 C  C   . CYS A 1 26 ? 4.153   1.541   4.174  1.00 9.35  ? 26 CYS V C   1 
ATOM   184 O  O   . CYS A 1 26 ? 3.087   0.914   4.095  1.00 9.61  ? 26 CYS V O   1 
ATOM   185 C  CB  . CYS A 1 26 ? 4.534   1.608   1.694  1.00 9.08  ? 26 CYS V CB  1 
ATOM   186 S  SG  . CYS A 1 26 ? 3.501   3.078   1.491  1.00 9.12  ? 26 CYS V SG  1 
ATOM   187 N  N   . ASN A 1 27 ? 4.498   2.187   5.262  1.00 9.00  ? 27 ASN V N   1 
ATOM   188 C  CA  . ASN A 1 27 ? 3.778   2.143   6.491  1.00 9.58  ? 27 ASN V CA  1 
ATOM   189 C  C   . ASN A 1 27 ? 3.143   3.447   6.930  1.00 8.70  ? 27 ASN V C   1 
ATOM   190 O  O   . ASN A 1 27 ? 2.452   3.452   7.918  1.00 10.45 ? 27 ASN V O   1 
ATOM   191 C  CB  . ASN A 1 27 ? 4.644   1.572   7.623  1.00 8.98  ? 27 ASN V CB  1 
ATOM   192 C  CG  . ASN A 1 27 ? 5.187   0.197   7.278  1.00 9.46  ? 27 ASN V CG  1 
ATOM   193 O  OD1 . ASN A 1 27 ? 4.420   -0.629  6.712  1.00 11.47 ? 27 ASN V OD1 1 
ATOM   194 N  ND2 . ASN A 1 27 ? 6.442   -0.055  7.617  1.00 10.97 ? 27 ASN V ND2 1 
ATOM   195 N  N   . SER A 1 28 ? 3.220   4.502   6.121  1.00 9.44  ? 28 SER V N   1 
ATOM   196 C  CA  . SER A 1 28 ? 2.646   5.796   6.434  1.00 10.44 ? 28 SER V CA  1 
ATOM   197 C  C   . SER A 1 28 ? 1.948   6.373   5.274  1.00 10.79 ? 28 SER V C   1 
ATOM   198 O  O   . SER A 1 28 ? 2.474   6.476   4.206  1.00 11.33 ? 28 SER V O   1 
ATOM   199 C  CB  . SER A 1 28 ? 3.678   6.717   6.932  1.00 12.67 ? 28 SER V CB  1 
ATOM   200 O  OG  . SER A 1 28 ? 4.185   6.339   8.236  1.00 21.93 ? 28 SER V OG  1 
ATOM   201 N  N   . ASP A 1 29 ? 0.708   6.813   5.491  1.00 9.22  ? 29 ASP V N   1 
ATOM   202 C  CA  . ASP A 1 29 ? -0.065  7.437   4.465  1.00 9.71  ? 29 ASP V CA  1 
ATOM   203 C  C   . ASP A 1 29 ? 0.595   8.652   3.852  1.00 11.04 ? 29 ASP V C   1 
ATOM   204 O  O   . ASP A 1 29 ? 0.367   8.964   2.713  1.00 10.36 ? 29 ASP V O   1 
ATOM   205 C  CB  . ASP A 1 29 ? -1.457  7.806   5.028  1.00 9.31  ? 29 ASP V CB  1 
ATOM   206 C  CG  . ASP A 1 29 ? -2.357  6.606   5.052  1.00 10.72 ? 29 ASP V CG  1 
ATOM   207 O  OD1 . ASP A 1 29 ? -3.304  6.564   5.924  1.00 11.60 ? 29 ASP V OD1 1 
ATOM   208 O  OD2 . ASP A 1 29 ? -2.285  5.763   4.175  1.00 11.84 ? 29 ASP V OD2 1 
ATOM   209 N  N   . ASP A 1 30 ? 1.330   9.383   4.695  1.00 10.39 ? 30 ASP V N   1 
ATOM   210 C  CA  . ASP A 1 30 ? 1.867   10.664  4.231  1.00 11.48 ? 30 ASP V CA  1 
ATOM   211 C  C   . ASP A 1 30 ? 2.810   10.542  3.063  1.00 13.50 ? 30 ASP V C   1 
ATOM   212 O  O   . ASP A 1 30 ? 2.940   11.507  2.283  1.00 15.99 ? 30 ASP V O   1 
ATOM   213 C  CB  . ASP A 1 30 ? 2.517   11.500  5.383  1.00 13.37 ? 30 ASP V CB  1 
ATOM   214 C  CG  . ASP A 1 30 ? 3.773   10.931  5.907  1.00 18.15 ? 30 ASP V CG  1 
ATOM   215 O  OD1 . ASP A 1 30 ? 4.664   11.715  6.327  1.00 24.33 ? 30 ASP V OD1 1 
ATOM   216 O  OD2 . ASP A 1 30 ? 4.093   9.761   5.893  1.00 20.68 ? 30 ASP V OD2 1 
ATOM   217 N  N   . LYS A 1 31 ? 3.448   9.365   2.953  1.00 13.45 ? 31 LYS V N   1 
ATOM   218 C  CA  . LYS A 1 31 ? 4.380   9.046   1.908  1.00 14.73 ? 31 LYS V CA  1 
ATOM   219 C  C   . LYS A 1 31 ? 3.973   7.881   1.065  1.00 13.66 ? 31 LYS V C   1 
ATOM   220 O  O   . LYS A 1 31 ? 4.784   7.246   0.390  1.00 16.61 ? 31 LYS V O   1 
ATOM   221 C  CB  . LYS A 1 31 ? 5.758   8.745   2.500  1.00 16.95 ? 31 LYS V CB  1 
ATOM   222 C  CG  . LYS A 1 31 ? 6.463   9.887   3.267  1.00 22.46 ? 31 LYS V CG  1 
ATOM   223 C  CD  . LYS A 1 31 ? 6.805   10.965  2.338  1.00 22.85 ? 31 LYS V CD  1 
ATOM   224 C  CE  . LYS A 1 31 ? 7.914   11.875  2.890  1.00 25.15 ? 31 LYS V CE  1 
ATOM   225 N  NZ  . LYS A 1 31 ? 7.297   12.961  3.549  1.00 30.28 ? 31 LYS V NZ  1 
ATOM   226 N  N   . CYS A 1 32 ? 2.749   7.553   1.095  1.00 11.12 ? 32 CYS V N   1 
ATOM   227 C  CA  . CYS A 1 32 ? 2.252   6.438   0.331  1.00 10.12 ? 32 CYS V CA  1 
ATOM   228 C  C   . CYS A 1 32 ? 1.858   6.869   -1.059 1.00 11.12 ? 32 CYS V C   1 
ATOM   229 O  O   . CYS A 1 32 ? 0.969   7.717   -1.205 1.00 10.14 ? 32 CYS V O   1 
ATOM   230 C  CB  . CYS A 1 32 ? 0.992   5.845   0.987  1.00 9.56  ? 32 CYS V CB  1 
ATOM   231 S  SG  . CYS A 1 32 ? 0.248   4.544   -0.006 1.00 9.24  ? 32 CYS V SG  1 
ATOM   232 N  N   . PRO A 1 33 ? 2.451   6.225   -2.100 1.00 9.95  ? 33 PRO V N   1 
ATOM   233 C  CA  . PRO A 1 33 ? 2.134   6.536   -3.489 1.00 11.72 ? 33 PRO V CA  1 
ATOM   234 C  C   . PRO A 1 33 ? 1.057   5.687   -4.120 1.00 10.92 ? 33 PRO V C   1 
ATOM   235 O  O   . PRO A 1 33 ? 0.968   5.697   -5.343 1.00 13.60 ? 33 PRO V O   1 
ATOM   236 C  CB  . PRO A 1 33 ? 3.491   6.338   -4.208 1.00 11.22 ? 33 PRO V CB  1 
ATOM   237 C  CG  . PRO A 1 33 ? 4.049   5.187   -3.484 1.00 10.30 ? 33 PRO V CG  1 
ATOM   238 C  CD  . PRO A 1 33 ? 3.643   5.331   -2.018 1.00 10.09 ? 33 PRO V CD  1 
ATOM   239 N  N   . CYS A 1 34 ? 0.400   4.833   -3.353 1.00 9.61  ? 34 CYS V N   1 
ATOM   240 C  CA  . CYS A 1 34 ? -0.456  3.811   -3.957 1.00 10.62 ? 34 CYS V CA  1 
ATOM   241 C  C   . CYS A 1 34 ? -1.585  4.440   -4.748 1.00 12.01 ? 34 CYS V C   1 
ATOM   242 O  O   . CYS A 1 34 ? -2.347  5.251   -4.157 1.00 12.20 ? 34 CYS V O   1 
ATOM   243 C  CB  . CYS A 1 34 ? -1.072  2.879   -2.844 1.00 10.05 ? 34 CYS V CB  1 
ATOM   244 S  SG  . CYS A 1 34 ? -1.480  1.241   -3.458 1.00 11.21 ? 34 CYS V SG  1 
ATOM   245 N  N   . GLY A 1 35 ? -1.762  4.093   -6.009 1.00 14.14 ? 35 GLY V N   1 
ATOM   246 C  CA  . GLY A 1 35 ? -2.771  4.752   -6.834 1.00 14.15 ? 35 GLY V CA  1 
ATOM   247 C  C   . GLY A 1 35 ? -2.476  6.142   -7.325 1.00 16.00 ? 35 GLY V C   1 
ATOM   248 O  O   . GLY A 1 35 ? -3.406  6.789   -7.844 1.00 20.00 ? 35 GLY V O   1 
ATOM   249 N  N   . ASN A 1 36 ? -1.247  6.634   -7.186 1.00 16.98 ? 36 ASN V N   1 
ATOM   250 C  CA  . ASN A 1 36 ? -0.824  7.877   -7.746 1.00 19.27 ? 36 ASN V CA  1 
ATOM   251 C  C   . ASN A 1 36 ? -0.775  7.720   -9.283 1.00 21.90 ? 36 ASN V C   1 
ATOM   252 O  O   . ASN A 1 36 ? -0.859  6.596   -9.833 1.00 26.17 ? 36 ASN V O   1 
ATOM   253 C  CB  . ASN A 1 36 ? 0.585   8.304   -7.190 1.00 19.17 ? 36 ASN V CB  1 
ATOM   254 C  CG  . ASN A 1 36 ? 0.558   8.973   -5.825 1.00 18.93 ? 36 ASN V CG  1 
ATOM   255 O  OD1 . ASN A 1 36 ? -0.483  9.133   -5.212 1.00 17.57 ? 36 ASN V OD1 1 
ATOM   256 N  ND2 . ASN A 1 36 ? 1.756   9.415   -5.384 1.00 19.81 ? 36 ASN V ND2 1 
ATOM   257 O  OXT . ASN A 1 36 ? -0.589  8.736   -9.915 1.00 25.50 ? 36 ASN V OXT 1 
HETATM 258 CU CU  . CU1 B 2 .  ? 0.772   -2.155  -0.550 1.00 9.90  ? 37 CU1 V CU  1 
HETATM 259 CU CU  . CU1 C 2 .  ? -2.161  -2.471  -0.853 1.00 11.81 ? 38 CU1 V CU  1 
HETATM 260 CU CU  . CU1 D 2 .  ? 0.671   0.601   -0.094 1.00 9.35  ? 39 CU1 V CU  1 
HETATM 261 CU CU  . CU1 E 2 .  ? -0.511  2.895   1.266  1.00 9.77  ? 40 CU1 V CU  1 
HETATM 262 CU CU  . CU1 F 2 .  ? 1.873   2.958   -0.089 1.00 9.22  ? 41 CU1 V CU  1 
HETATM 263 CU CU  . CU1 G 2 .  ? 0.275   0.023   -2.738 1.00 10.52 ? 42 CU1 V CU  1 
HETATM 264 CU CU  . CU1 H 2 .  ? -2.276  0.253   -1.624 1.00 11.26 ? 43 CU1 V CU  1 
HETATM 265 CU CU  . CU1 I 2 .  ? 1.722   2.391   2.471  1.00 9.90  ? 44 CU1 V CU  1 
HETATM 266 O  O   . HOH J 3 .  ? 2.456   6.293   9.820  1.00 24.86 ? 45 HOH V O   1 
HETATM 267 O  O   . HOH J 3 .  ? 4.914   -1.857  1.351  1.00 11.61 ? 46 HOH V O   1 
HETATM 268 O  O   . HOH J 3 .  ? 4.270   -4.314  0.168  1.00 12.64 ? 47 HOH V O   1 
HETATM 269 O  O   . HOH J 3 .  ? -2.884  7.052   8.503  1.00 12.48 ? 48 HOH V O   1 
HETATM 270 O  O   . HOH J 3 .  ? 9.846   2.063   4.916  1.00 11.76 ? 49 HOH V O   1 
HETATM 271 O  O   . HOH J 3 .  ? 0.885   9.358   7.694  1.00 18.92 ? 50 HOH V O   1 
HETATM 272 O  O   . HOH J 3 .  ? 3.459   9.738   -1.771 1.00 17.33 ? 51 HOH V O   1 
HETATM 273 O  O   . HOH J 3 .  ? 4.766   5.300   3.549  1.00 16.53 ? 52 HOH V O   1 
HETATM 274 O  O   . HOH J 3 .  ? -6.897  0.650   6.944  1.00 23.02 ? 53 HOH V O   1 
HETATM 275 O  O   . HOH J 3 .  ? 5.459   -3.092  6.034  1.00 23.35 ? 54 HOH V O   1 
HETATM 276 O  O   . HOH J 3 .  ? 1.298   -4.520  -9.328 1.00 22.50 ? 55 HOH V O   1 
HETATM 277 O  O   . HOH J 3 .  ? 6.227   -4.027  3.144  1.00 20.82 ? 56 HOH V O   1 
HETATM 278 O  O   . HOH J 3 .  ? 2.626   4.208   -7.068 1.00 24.15 ? 57 HOH V O   1 
HETATM 279 O  O   . HOH J 3 .  ? -5.208  -6.164  -6.174 1.00 23.62 ? 58 HOH V O   1 
HETATM 280 O  O   . HOH J 3 .  ? 7.027   5.823   0.367  1.00 21.76 ? 59 HOH V O   1 
HETATM 281 O  O   . HOH J 3 .  ? -1.308  -4.712  3.405  1.00 22.84 ? 60 HOH V O   1 
HETATM 282 O  O   . HOH J 3 .  ? 8.221   4.136   2.660  1.00 20.09 ? 61 HOH V O   1 
HETATM 283 O  O   . HOH J 3 .  ? -11.272 -3.230  1.164  1.00 27.48 ? 62 HOH V O   1 
HETATM 284 O  O   . HOH J 3 .  ? 6.877   2.900   -5.561 1.00 23.17 ? 63 HOH V O   1 
HETATM 285 O  O   . HOH J 3 .  ? 6.952   -6.542  3.856  1.00 24.18 ? 64 HOH V O   1 
HETATM 286 O  O   . HOH J 3 .  ? 7.189   6.549   -2.300 1.00 31.91 ? 65 HOH V O   1 
HETATM 287 O  O   . HOH J 3 .  ? 5.403   4.971   -7.024 1.00 32.42 ? 66 HOH V O   1 
HETATM 288 O  O   . HOH J 3 .  ? -5.534  6.051   -8.898 1.00 30.41 ? 67 HOH V O   1 
HETATM 289 O  O   . HOH J 3 .  ? -3.516  -5.681  4.477  1.00 32.78 ? 68 HOH V O   1 
HETATM 290 O  O   . HOH J 3 .  ? 3.721   -6.013  6.589  1.00 37.28 ? 69 HOH V O   1 
HETATM 291 O  O   . HOH J 3 .  ? 0.508   -10.606 2.462  1.00 36.17 ? 70 HOH V O   1 
HETATM 292 O  O   . HOH J 3 .  ? 4.322   8.484   -7.084 1.00 36.27 ? 71 HOH V O   1 
HETATM 293 O  O   . HOH J 3 .  ? -5.628  -7.723  -8.364 1.00 34.55 ? 72 HOH V O   1 
HETATM 294 O  O   . HOH J 3 .  ? 6.560   8.900   6.329  1.00 25.95 ? 73 HOH V O   1 
HETATM 295 O  O   . HOH J 3 .  ? 9.759   -4.485  4.142  1.00 21.78 ? 74 HOH V O   1 
HETATM 296 O  O   . HOH J 3 .  ? -7.905  -4.285  -8.259 1.00 42.41 ? 75 HOH V O   1 
HETATM 297 O  O   . HOH J 3 .  ? -1.846  -8.669  1.491  1.00 28.35 ? 76 HOH V O   1 
HETATM 298 O  O   . HOH J 3 .  ? 3.240   -5.312  12.115 0.33 36.51 ? 77 HOH V O   1 
HETATM 299 O  O   . HOH J 3 .  ? 5.711   4.939   9.237  0.33 32.86 ? 78 HOH V O   1 
HETATM 300 O  O   . HOH J 3 .  ? -10.912 -4.630  4.571  0.50 42.07 ? 79 HOH V O   1 
HETATM 301 O  O   . HOH J 3 .  ? 2.518   -13.333 2.233  1.00 50.13 ? 80 HOH V O   1 
HETATM 302 O  O   . HOH J 3 .  ? -2.240  -9.927  -0.739 1.00 25.00 ? 81 HOH V O   1 
# 
loop_
_atom_site_anisotrop.id 
_atom_site_anisotrop.type_symbol 
_atom_site_anisotrop.pdbx_label_atom_id 
_atom_site_anisotrop.pdbx_label_alt_id 
_atom_site_anisotrop.pdbx_label_comp_id 
_atom_site_anisotrop.pdbx_label_asym_id 
_atom_site_anisotrop.pdbx_label_seq_id 
_atom_site_anisotrop.pdbx_PDB_ins_code 
_atom_site_anisotrop.U[1][1] 
_atom_site_anisotrop.U[2][2] 
_atom_site_anisotrop.U[3][3] 
_atom_site_anisotrop.U[1][2] 
_atom_site_anisotrop.U[1][3] 
_atom_site_anisotrop.U[2][3] 
_atom_site_anisotrop.pdbx_auth_seq_id 
_atom_site_anisotrop.pdbx_auth_comp_id 
_atom_site_anisotrop.pdbx_auth_asym_id 
_atom_site_anisotrop.pdbx_auth_atom_id 
1   N  N   . HIS A 1  ? 0.1289 0.1382 0.1193 0.0079  -0.0316 -0.0118 1  HIS V N   
2   C  CA  . HIS A 1  ? 0.1172 0.1287 0.1235 -0.0119 0.0024  -0.0155 1  HIS V CA  
3   C  C   . HIS A 1  ? 0.1417 0.1225 0.1163 -0.0196 0.0236  -0.0082 1  HIS V C   
4   O  O   . HIS A 1  ? 0.1230 0.1423 0.1562 -0.0043 -0.0055 -0.0318 1  HIS V O   
5   C  CB  . HIS A 1  ? 0.1351 0.1043 0.0901 0.0125  -0.0117 0.0098  1  HIS V CB  
6   C  CG  . HIS A 1  ? 0.1429 0.0962 0.0834 -0.0007 0.0140  -0.0172 1  HIS V CG  
7   N  ND1 . HIS A 1  ? 0.1284 0.1113 0.1073 -0.0216 0.0153  -0.0029 1  HIS V ND1 
8   C  CD2 . HIS A 1  ? 0.1444 0.1139 0.1189 0.0182  0.0051  -0.0014 1  HIS V CD2 
9   C  CE1 . HIS A 1  ? 0.1266 0.1116 0.1453 0.0032  -0.0136 -0.0244 1  HIS V CE1 
10  N  NE2 . HIS A 1  ? 0.1194 0.1461 0.1012 0.0175  0.0125  -0.0093 1  HIS V NE2 
11  N  N   . GLU A 2  ? 0.1295 0.1123 0.1447 -0.0006 0.0105  -0.0192 2  GLU V N   
12  C  CA  . GLU A 2  ? 0.1520 0.1397 0.1232 -0.0025 0.0312  -0.0139 2  GLU V CA  
13  C  C   . GLU A 2  ? 0.1554 0.1495 0.1471 -0.0181 -0.0030 -0.0143 2  GLU V C   
14  O  O   . GLU A 2  ? 0.1055 0.1092 0.1580 0.0140  0.0240  -0.0301 2  GLU V O   
15  C  CB  . GLU A 2  ? 0.1715 0.1635 0.1681 -0.0213 0.0318  -0.0171 2  GLU V CB  
16  C  CG  . GLU A 2  ? 0.2295 0.1961 0.1979 -0.0212 0.0531  -0.0007 2  GLU V CG  
17  C  CD  . GLU A 2  ? 0.2633 0.2109 0.2113 -0.0038 0.0114  0.0060  2  GLU V CD  
18  O  OE1 . GLU A 2  ? 0.3930 0.2026 0.3412 -0.0112 0.0035  -0.0041 2  GLU V OE1 
19  O  OE2 . GLU A 2  ? 0.3776 0.2293 0.2766 -0.0031 -0.0576 0.0231  2  GLU V OE2 
20  N  N   . CYS A 3  ? 0.1408 0.1433 0.1419 -0.0104 0.0179  -0.0181 3  CYS V N   
21  C  CA  . CYS A 3  ? 0.1458 0.1251 0.1497 -0.0126 0.0148  -0.0129 3  CYS V CA  
22  C  C   . CYS A 3  ? 0.1641 0.1163 0.1460 -0.0082 0.0021  -0.0239 3  CYS V C   
23  O  O   . CYS A 3  ? 0.1879 0.1592 0.1432 -0.0196 -0.0117 -0.0075 3  CYS V O   
24  C  CB  . CYS A 3  ? 0.1225 0.1068 0.1677 -0.0247 0.0233  -0.0130 3  CYS V CB  
25  S  SG  . CYS A 3  ? 0.1237 0.1337 0.1439 -0.0056 0.0132  -0.0238 3  CYS V SG  
26  N  N   . GLN A 4  ? 0.1235 0.1257 0.1442 -0.0010 -0.0021 -0.0099 4  GLN V N   
27  C  CA  . GLN A 4  ? 0.1513 0.1327 0.1391 0.0061  0.0112  -0.0066 4  GLN V CA  
28  C  C   . GLN A 4  ? 0.1436 0.1323 0.1517 0.0013  0.0050  -0.0091 4  GLN V C   
29  O  O   . GLN A 4  ? 0.2171 0.1262 0.1983 0.0367  -0.0379 -0.0401 4  GLN V O   
30  C  CB  . GLN A 4  ? 0.1558 0.1373 0.1705 0.0071  -0.0130 0.0031  4  GLN V CB  
31  C  CG  . GLN A 4  ? 0.2143 0.1641 0.2065 -0.0046 0.0030  -0.0149 4  GLN V CG  
32  C  CD  . GLN A 4  ? 0.2275 0.2004 0.2801 -0.0051 -0.0058 0.0020  4  GLN V CD  
33  O  OE1 . GLN A 4  ? 0.2488 0.2581 0.2775 0.0206  -0.0198 0.0044  4  GLN V OE1 
34  N  NE2 . GLN A 4  ? 0.3144 0.2174 0.2585 0.0369  0.0121  -0.0437 4  GLN V NE2 
35  N  N   . CYS A 5  ? 0.1477 0.1228 0.1089 -0.0002 0.0085  -0.0126 5  CYS V N   
36  C  CA  . CYS A 5  ? 0.1380 0.1260 0.1123 -0.0131 0.0154  -0.0014 5  CYS V CA  
37  C  C   . CYS A 5  ? 0.1128 0.1432 0.1333 0.0013  0.0243  -0.0157 5  CYS V C   
38  O  O   . CYS A 5  ? 0.1605 0.1549 0.1265 -0.0271 0.0076  -0.0215 5  CYS V O   
39  C  CB  . CYS A 5  ? 0.1205 0.1387 0.1113 -0.0179 0.0062  -0.0044 5  CYS V CB  
40  S  SG  . CYS A 5  ? 0.1261 0.1167 0.1201 0.0007  0.0029  -0.0174 5  CYS V SG  
41  N  N   . GLN A 6  ? 0.1287 0.1417 0.1302 -0.0011 0.0031  -0.0101 6  GLN V N   
42  C  CA  . GLN A 6  ? 0.1383 0.1209 0.1338 0.0021  0.0102  -0.0112 6  GLN V CA  
43  C  C   . GLN A 6  ? 0.0986 0.1123 0.1155 0.0056  -0.0054 -0.0090 6  GLN V C   
44  O  O   . GLN A 6  ? 0.1333 0.1274 0.1339 0.0081  -0.0021 -0.0221 6  GLN V O   
45  C  CB  . GLN A 6  ? 0.1598 0.1473 0.1519 0.0056  0.0110  -0.0098 6  GLN V CB  
46  C  CG  . GLN A 6  ? 0.2386 0.1782 0.1602 0.0493  -0.0223 -0.0267 6  GLN V CG  
47  C  CD  . GLN A 6  ? 0.2964 0.3294 0.2772 0.0116  -0.0192 0.0028  6  GLN V CD  
48  O  OE1 . GLN A 6  ? 0.3182 0.3417 0.2983 0.0392  -0.0650 -0.0204 6  GLN V OE1 
49  N  NE2 . GLN A 6  ? 0.3602 0.3991 0.3460 0.0265  0.0056  0.0532  6  GLN V NE2 
50  N  N   . CYS A 7  ? 0.1176 0.1239 0.0930 0.0080  0.0078  -0.0121 7  CYS V N   
51  C  CA  . CYS A 7  ? 0.1185 0.1101 0.1257 -0.0060 0.0078  -0.0169 7  CYS V CA  
52  C  C   . CYS A 7  ? 0.1153 0.1230 0.1164 -0.0030 0.0126  -0.0289 7  CYS V C   
53  O  O   . CYS A 7  ? 0.1187 0.1344 0.1269 -0.0127 0.0168  -0.0303 7  CYS V O   
54  C  CB  . CYS A 7  ? 0.1320 0.1256 0.1158 0.0088  0.0096  -0.0259 7  CYS V CB  
55  S  SG  . CYS A 7  ? 0.1196 0.1219 0.1135 0.0125  0.0102  -0.0260 7  CYS V SG  
56  N  N   . GLY A 8  ? 0.1050 0.1190 0.1459 0.0007  0.0180  -0.0211 8  GLY V N   
57  C  CA  . GLY A 8  ? 0.1248 0.1289 0.1523 -0.0099 0.0006  -0.0131 8  GLY V CA  
58  C  C   . GLY A 8  ? 0.1176 0.1260 0.1337 -0.0064 -0.0005 -0.0124 8  GLY V C   
59  O  O   . GLY A 8  ? 0.1218 0.1343 0.1694 0.0072  0.0226  -0.0259 8  GLY V O   
60  N  N   . SER A 9  ? 0.1065 0.1426 0.1504 -0.0052 0.0031  -0.0134 9  SER V N   
61  C  CA  . SER A 9  ? 0.1038 0.1223 0.1383 0.0106  -0.0092 -0.0092 9  SER V CA  
62  C  C   . SER A 9  ? 0.1240 0.1349 0.1653 0.0071  -0.0063 -0.0108 9  SER V C   
63  O  O   . SER A 9  ? 0.1529 0.1720 0.2140 0.0032  -0.0407 -0.0749 9  SER V O   
64  C  CB  . SER A 9  ? 0.1202 0.1308 0.1109 0.0292  -0.0279 -0.0020 9  SER V CB  
65  O  OG  . SER A 9  ? 0.2044 0.1360 0.1785 0.0094  0.0174  0.0018  9  SER V OG  
66  N  N   . CYS A 10 ? 0.1017 0.1297 0.1531 -0.0113 -0.0104 -0.0252 10 CYS V N   
67  C  CA  . CYS A 10 ? 0.1348 0.1304 0.1485 -0.0063 0.0069  -0.0204 10 CYS V CA  
68  C  C   . CYS A 10 ? 0.1544 0.1380 0.1495 -0.0119 0.0049  -0.0094 10 CYS V C   
69  O  O   . CYS A 10 ? 0.1738 0.1580 0.2030 -0.0168 0.0275  -0.0055 10 CYS V O   
70  C  CB  . CYS A 10 ? 0.1155 0.1380 0.1291 -0.0041 -0.0038 -0.0219 10 CYS V CB  
71  S  SG  . CYS A 10 ? 0.1245 0.1263 0.1245 0.0081  0.0119  -0.0198 10 CYS V SG  
72  N  N   . LYS A 11 ? 0.2113 0.1246 0.1742 -0.0183 0.0092  -0.0167 11 LYS V N   
73  C  CA  . LYS A 11 ? 0.2185 0.1430 0.2015 -0.0106 0.0041  0.0017  11 LYS V CA  
74  C  C   . LYS A 11 ? 0.2225 0.1818 0.2231 -0.0092 0.0171  0.0030  11 LYS V C   
75  O  O   . LYS A 11 ? 0.2129 0.2188 0.2644 -0.0449 0.0264  -0.0060 11 LYS V O   
76  C  CB  . LYS A 11 ? 0.2646 0.1881 0.2238 -0.0119 0.0045  0.0323  11 LYS V CB  
77  C  CG  . LYS A 11 ? 0.3497 0.2792 0.2974 -0.0211 0.0195  0.0350  11 LYS V CG  
78  C  CD  . LYS A 11 ? 0.3982 0.4122 0.4206 -0.0173 -0.0117 0.0191  11 LYS V CD  
79  C  CE  . LYS A 11 ? 0.4617 0.4743 0.4651 -0.0089 0.0083  0.0057  11 LYS V CE  
80  N  NZ  . LYS A 11 ? 0.4925 0.5104 0.5073 0.0083  0.0013  -0.0239 11 LYS V NZ  
81  N  N   . ASN A 12 ? 0.2545 0.2166 0.2776 -0.0150 0.0019  0.0013  12 ASN V N   
82  C  CA  . ASN A 12 ? 0.2809 0.2873 0.3070 -0.0101 0.0017  -0.0019 12 ASN V CA  
83  C  C   . ASN A 12 ? 0.2497 0.2834 0.2759 -0.0279 -0.0052 -0.0064 12 ASN V C   
84  O  O   . ASN A 12 ? 0.2495 0.3503 0.3418 -0.0245 0.0180  -0.0015 12 ASN V O   
85  C  CB  . ASN A 12 ? 0.2937 0.3095 0.3047 -0.0185 0.0055  0.0095  12 ASN V CB  
86  C  CG  . ASN A 12 ? 0.3310 0.3338 0.3484 -0.0197 -0.0019 0.0140  12 ASN V CG  
87  O  OD1 . ASN A 12 ? 0.4242 0.3937 0.4578 -0.0005 0.0052  0.0167  12 ASN V OD1 
88  N  ND2 . ASN A 12 ? 0.4093 0.4364 0.3295 -0.0325 0.0142  0.0493  12 ASN V ND2 
89  N  N   . ASN A 13 ? 0.1984 0.2579 0.2415 -0.0328 0.0088  -0.0209 13 ASN V N   
90  C  CA  . ASN A 13 ? 0.2089 0.2308 0.2428 -0.0237 0.0194  -0.0222 13 ASN V CA  
91  C  C   . ASN A 13 ? 0.2117 0.2585 0.2451 -0.0222 0.0130  -0.0311 13 ASN V C   
92  O  O   . ASN A 13 ? 0.1856 0.2423 0.2152 -0.0242 0.0132  -0.0653 13 ASN V O   
93  C  CB  . ASN A 13 ? 0.2117 0.2034 0.2147 -0.0445 0.0139  -0.0471 13 ASN V CB  
94  C  CG  . ASN A 13 ? 0.1615 0.2147 0.2849 0.0005  0.0030  -0.0387 13 ASN V CG  
95  O  OD1 . ASN A 13 ? 0.2915 0.2624 0.3596 -0.0238 -0.0698 -0.0334 13 ASN V OD1 
96  N  ND2 . ASN A 13 ? 0.2093 0.2103 0.2839 0.0380  -0.0103 0.0140  13 ASN V ND2 
97  N  N   . GLU A 14 ? 0.2318 0.2732 0.2949 -0.0203 0.0118  -0.0358 14 GLU V N   
98  C  CA  . GLU A 14 ? 0.2370 0.2707 0.2654 -0.0087 0.0014  -0.0273 14 GLU V CA  
99  C  C   . GLU A 14 ? 0.2644 0.2774 0.2938 -0.0061 0.0036  -0.0216 14 GLU V C   
100 O  O   . GLU A 14 ? 0.3132 0.2930 0.3130 -0.0044 -0.0017 -0.0554 14 GLU V O   
101 C  CB  . GLU A 14 ? 0.2711 0.2908 0.3220 -0.0182 0.0016  -0.0308 14 GLU V CB  
102 C  CG  . GLU A 14 ? 0.3475 0.3679 0.3599 -0.0237 -0.0064 -0.0126 14 GLU V CG  
103 C  CD  . GLU A 14 ? 0.4622 0.4502 0.4848 0.0089  -0.0041 -0.0072 14 GLU V CD  
104 O  OE1 . GLU A 14 ? 0.4650 0.5125 0.5257 -0.0106 0.0087  -0.0051 14 GLU V OE1 
105 O  OE2 . GLU A 14 ? 0.5501 0.5322 0.5421 -0.0247 0.0139  0.0163  14 GLU V OE2 
106 N  N   . GLN A 15 ? 0.2291 0.2778 0.2723 -0.0128 -0.0079 -0.0334 15 GLN V N   
107 C  CA  . GLN A 15 ? 0.2364 0.2696 0.2806 -0.0209 -0.0115 -0.0229 15 GLN V CA  
108 C  C   . GLN A 15 ? 0.2146 0.2639 0.2471 -0.0054 -0.0174 -0.0281 15 GLN V C   
109 O  O   . GLN A 15 ? 0.1898 0.3633 0.2392 -0.0204 -0.0429 -0.0118 15 GLN V O   
110 C  CB  . GLN A 15 ? 0.2416 0.3140 0.3326 0.0012  0.0015  -0.0129 15 GLN V CB  
111 C  CG  . GLN A 15 ? 0.3997 0.3851 0.3813 0.0077  -0.0011 -0.0026 15 GLN V CG  
112 C  CD  . GLN A 15 ? 0.4287 0.4764 0.4828 -0.0098 -0.0051 0.0015  15 GLN V CD  
113 O  OE1 . GLN A 15 ? 0.5286 0.5106 0.5231 0.0183  -0.0147 0.0118  15 GLN V OE1 
114 N  NE2 . GLN A 15 ? 0.4919 0.4983 0.5039 0.0049  -0.0101 0.0103  15 GLN V NE2 
115 N  N   . CYS A 16 ? 0.2062 0.2026 0.2176 -0.0197 -0.0252 -0.0265 16 CYS V N   
116 C  CA  . CYS A 16 ? 0.1922 0.1586 0.2157 -0.0053 -0.0021 -0.0235 16 CYS V CA  
117 C  C   . CYS A 16 ? 0.1585 0.1486 0.1955 -0.0051 -0.0186 -0.0301 16 CYS V C   
118 O  O   . CYS A 16 ? 0.1429 0.1655 0.2138 -0.0209 -0.0210 -0.0225 16 CYS V O   
119 C  CB  . CYS A 16 ? 0.1836 0.1819 0.1881 0.0027  -0.0250 -0.0419 16 CYS V CB  
120 S  SG  . CYS A 16 ? 0.1246 0.1703 0.1575 -0.0038 -0.0078 -0.0271 16 CYS V SG  
121 N  N   . GLN A 17 ? 0.1495 0.1807 0.2257 -0.0152 -0.0095 -0.0291 17 GLN V N   
122 C  CA  . GLN A 17 ? 0.1973 0.1930 0.2165 -0.0088 0.0039  -0.0234 17 GLN V CA  
123 C  C   . GLN A 17 ? 0.1811 0.1872 0.2192 -0.0097 -0.0012 -0.0255 17 GLN V C   
124 O  O   . GLN A 17 ? 0.1571 0.2039 0.2329 -0.0137 -0.0156 -0.0452 17 GLN V O   
125 C  CB  . GLN A 17 ? 0.2022 0.1886 0.2415 -0.0071 0.0117  -0.0280 17 GLN V CB  
126 C  CG  . GLN A 17 ? 0.2573 0.2676 0.2673 -0.0100 0.0147  -0.0214 17 GLN V CG  
127 C  CD  . GLN A 17 ? 0.2199 0.2166 0.2329 -0.0212 0.0220  -0.0081 17 GLN V CD  
128 O  OE1 . GLN A 17 ? 0.2787 0.2834 0.3150 -0.0342 -0.0200 -0.0083 17 GLN V OE1 
129 N  NE2 . GLN A 17 ? 0.2335 0.1905 0.2312 -0.0037 -0.0008 -0.0795 17 GLN V NE2 
130 N  N   . LYS A 18 ? 0.1879 0.1969 0.2194 -0.0058 -0.0016 -0.0228 18 LYS V N   
131 C  CA  . LYS A 18 ? 0.2238 0.2007 0.2139 -0.0031 0.0021  -0.0329 18 LYS V CA  
132 C  C   . LYS A 18 ? 0.1923 0.2258 0.2129 -0.0003 -0.0173 -0.0239 18 LYS V C   
133 O  O   . LYS A 18 ? 0.2362 0.2462 0.2586 -0.0035 -0.0100 -0.0550 18 LYS V O   
134 C  CB  . LYS A 18 ? 0.2285 0.2549 0.2238 -0.0243 -0.0104 -0.0321 18 LYS V CB  
135 C  CG  . LYS A 18 ? 0.2943 0.2361 0.2901 -0.0049 0.0050  -0.0271 18 LYS V CG  
136 C  CD  . LYS A 18 ? 0.3549 0.3050 0.3583 -0.0285 0.0112  -0.0314 18 LYS V CD  
137 C  CE  . LYS A 18 ? 0.4227 0.3965 0.4353 0.0045  -0.0125 -0.0056 18 LYS V CE  
138 N  NZ  . LYS A 18 ? 0.4962 0.4609 0.4475 0.0204  0.0105  0.0094  18 LYS V NZ  
139 N  N   . SER A 19 ? 0.1880 0.2094 0.2101 -0.0088 -0.0200 0.0001  19 SER V N   
140 C  CA  . SER A 19 ? 0.1906 0.2064 0.1772 -0.0111 -0.0171 -0.0178 19 SER V CA  
141 C  C   . SER A 19 ? 0.2182 0.1853 0.1881 0.0019  -0.0133 -0.0083 19 SER V C   
142 O  O   . SER A 19 ? 0.2646 0.1827 0.2262 0.0007  -0.0417 -0.0195 19 SER V O   
143 C  CB  . SER A 19 ? 0.2259 0.2229 0.2201 0.0192  -0.0199 -0.0242 19 SER V CB  
144 O  OG  . SER A 19 ? 0.1990 0.2669 0.2603 0.0040  -0.0383 -0.0351 19 SER V OG  
145 N  N   . CYS A 20 ? 0.1751 0.1566 0.1412 0.0095  -0.0132 0.0013  20 CYS V N   
146 C  CA  . CYS A 20 ? 0.1440 0.1357 0.1515 -0.0036 0.0144  -0.0103 20 CYS V CA  
147 C  C   . CYS A 20 ? 0.1032 0.0980 0.1333 -0.0076 -0.0148 -0.0068 20 CYS V C   
148 O  O   . CYS A 20 ? 0.1439 0.1202 0.1372 0.0029  0.0056  -0.0196 20 CYS V O   
149 C  CB  . CYS A 20 ? 0.1250 0.1175 0.1314 0.0012  0.0068  -0.0218 20 CYS V CB  
150 S  SG  . CYS A 20 ? 0.1139 0.1327 0.1279 0.0025  0.0059  -0.0191 20 CYS V SG  
151 N  N   . SER A 21 ? 0.1291 0.1257 0.1440 0.0087  0.0023  -0.0086 21 SER V N   
152 C  CA  . SER A 21 ? 0.1181 0.1357 0.1195 -0.0024 0.0061  -0.0079 21 SER V CA  
153 C  C   . SER A 21 ? 0.1159 0.1321 0.1057 0.0024  0.0046  -0.0074 21 SER V C   
154 O  O   . SER A 21 ? 0.1564 0.1421 0.1056 -0.0112 0.0159  -0.0229 21 SER V O   
155 C  CB  . SER A 21 ? 0.1210 0.1665 0.1401 -0.0004 -0.0084 0.0028  21 SER V CB  
156 O  OG  . SER A 21 ? 0.2161 0.1925 0.2116 0.0167  0.0041  -0.0283 21 SER V OG  
157 N  N   . CYS A 22 ? 0.1289 0.1201 0.1205 0.0037  0.0033  -0.0271 22 CYS V N   
158 C  CA  . CYS A 22 ? 0.1021 0.1015 0.1140 0.0025  0.0036  -0.0032 22 CYS V CA  
159 C  C   . CYS A 22 ? 0.0930 0.1059 0.1055 0.0229  0.0067  -0.0204 22 CYS V C   
160 O  O   . CYS A 22 ? 0.1291 0.1237 0.1193 0.0164  -0.0165 -0.0365 22 CYS V O   
161 C  CB  . CYS A 22 ? 0.1125 0.1136 0.1303 0.0042  0.0153  -0.0219 22 CYS V CB  
162 S  SG  . CYS A 22 ? 0.1065 0.1301 0.1124 0.0210  0.0010  -0.0192 22 CYS V SG  
163 N  N   . PRO A 23 ? 0.0947 0.1083 0.1116 0.0014  0.0123  -0.0141 23 PRO V N   
164 C  CA  . PRO A 23 ? 0.0935 0.1137 0.1168 0.0078  -0.0027 -0.0185 23 PRO V CA  
165 C  C   . PRO A 23 ? 0.0954 0.1124 0.1173 -0.0030 0.0123  -0.0132 23 PRO V C   
166 O  O   . PRO A 23 ? 0.1197 0.1319 0.1160 -0.0014 0.0241  -0.0031 23 PRO V O   
167 C  CB  . PRO A 23 ? 0.1328 0.1331 0.1419 -0.0022 -0.0044 -0.0121 23 PRO V CB  
168 C  CG  . PRO A 23 ? 0.1516 0.1645 0.2374 -0.0153 0.0008  -0.0273 23 PRO V CG  
169 C  CD  . PRO A 23 ? 0.0986 0.1231 0.1734 -0.0044 0.0073  -0.0355 23 PRO V CD  
170 N  N   . THR A 24 ? 0.1253 0.1060 0.1156 0.0109  0.0177  -0.0070 24 THR V N   
171 C  CA  . THR A 24 ? 0.1184 0.1085 0.1226 0.0071  0.0018  -0.0132 24 THR V CA  
172 C  C   . THR A 24 ? 0.1054 0.1281 0.1359 0.0115  0.0065  -0.0103 24 THR V C   
173 O  O   . THR A 24 ? 0.1495 0.1338 0.1530 0.0204  0.0188  -0.0304 24 THR V O   
174 C  CB  . THR A 24 ? 0.1297 0.1150 0.1367 0.0105  0.0048  -0.0063 24 THR V CB  
175 O  OG1 . THR A 24 ? 0.1685 0.1212 0.2007 0.0113  0.0278  -0.0243 24 THR V OG1 
176 C  CG2 . THR A 24 ? 0.1629 0.1173 0.1320 0.0203  0.0073  -0.0373 24 THR V CG2 
177 N  N   . GLY A 25 ? 0.0967 0.1615 0.1230 -0.0053 -0.0088 -0.0130 25 GLY V N   
178 C  CA  . GLY A 25 ? 0.1150 0.1486 0.1269 0.0194  0.0092  -0.0236 25 GLY V CA  
179 C  C   . GLY A 25 ? 0.1321 0.1197 0.1163 -0.0013 -0.0023 -0.0010 25 GLY V C   
180 O  O   . GLY A 25 ? 0.1214 0.1247 0.1376 0.0217  -0.0234 -0.0351 25 GLY V O   
181 N  N   . CYS A 26 ? 0.1403 0.1199 0.1012 0.0150  -0.0208 -0.0111 26 CYS V N   
182 C  CA  . CYS A 26 ? 0.1211 0.1131 0.1002 0.0046  -0.0050 -0.0151 26 CYS V CA  
183 C  C   . CYS A 26 ? 0.1024 0.1340 0.1187 0.0023  -0.0076 -0.0042 26 CYS V C   
184 O  O   . CYS A 26 ? 0.1139 0.1410 0.1103 -0.0204 0.0091  -0.0374 26 CYS V O   
185 C  CB  . CYS A 26 ? 0.1360 0.1118 0.0969 0.0072  -0.0029 -0.0122 26 CYS V CB  
186 S  SG  . CYS A 26 ? 0.1129 0.1296 0.1038 0.0093  -0.0094 -0.0305 26 CYS V SG  
187 N  N   . ASN A 27 ? 0.1080 0.1213 0.1124 0.0298  0.0048  0.0013  27 ASN V N   
188 C  CA  . ASN A 27 ? 0.1132 0.1248 0.1259 0.0080  -0.0069 -0.0059 27 ASN V CA  
189 C  C   . ASN A 27 ? 0.0987 0.1229 0.1090 0.0147  -0.0087 -0.0149 27 ASN V C   
190 O  O   . ASN A 27 ? 0.1182 0.1592 0.1194 0.0183  0.0265  0.0053  27 ASN V O   
191 C  CB  . ASN A 27 ? 0.0987 0.1123 0.1302 0.0357  -0.0053 -0.0078 27 ASN V CB  
192 C  CG  . ASN A 27 ? 0.1311 0.0996 0.1285 0.0115  -0.0107 0.0031  27 ASN V CG  
193 O  OD1 . ASN A 27 ? 0.1535 0.1529 0.1294 -0.0144 -0.0255 0.0027  27 ASN V OD1 
194 N  ND2 . ASN A 27 ? 0.1272 0.1912 0.0981 0.0282  -0.0135 0.0163  27 ASN V ND2 
195 N  N   . SER A 28 ? 0.0988 0.1283 0.1314 0.0152  0.0146  -0.0109 28 SER V N   
196 C  CA  . SER A 28 ? 0.1312 0.1380 0.1275 0.0086  0.0239  0.0022  28 SER V CA  
197 C  C   . SER A 28 ? 0.1285 0.1347 0.1465 0.0156  -0.0036 -0.0139 28 SER V C   
199 C  CB  . SER A 28 ? 0.1709 0.1478 0.1627 0.0057  -0.0286 -0.0072 28 SER V CB  
200 O  OG  . SER A 28 ? 0.2967 0.2647 0.2717 -0.0079 -0.0446 -0.0012 28 SER V OG  
201 N  N   . ASP A 29 ? 0.1099 0.1234 0.1169 0.0178  -0.0057 -0.0163 29 ASP V N   
202 C  CA  . ASP A 29 ? 0.1296 0.1287 0.1107 0.0067  -0.0004 -0.0094 29 ASP V CA  
203 C  C   . ASP A 29 ? 0.1351 0.1404 0.1438 -0.0090 0.0017  -0.0029 29 ASP V C   
204 O  O   . ASP A 29 ? 0.1234 0.1257 0.1447 -0.0069 -0.0002 -0.0102 29 ASP V O   
205 C  CB  . ASP A 29 ? 0.1354 0.1023 0.1160 -0.0052 0.0174  -0.0203 29 ASP V CB  
206 C  CG  . ASP A 29 ? 0.1342 0.1260 0.1468 -0.0167 0.0263  -0.0202 29 ASP V CG  
207 O  OD1 . ASP A 29 ? 0.1523 0.1531 0.1354 -0.0083 0.0388  0.0005  29 ASP V OD1 
208 O  OD2 . ASP A 29 ? 0.1380 0.1580 0.1537 -0.0059 0.0207  -0.0213 29 ASP V OD2 
209 N  N   . ASP A 30 ? 0.1431 0.1310 0.1205 -0.0017 0.0033  -0.0025 30 ASP V N   
210 C  CA  . ASP A 30 ? 0.1550 0.1323 0.1489 -0.0082 -0.0181 -0.0015 30 ASP V CA  
211 C  C   . ASP A 30 ? 0.1776 0.1503 0.1848 0.0048  -0.0167 -0.0217 30 ASP V C   
212 O  O   . ASP A 30 ? 0.1889 0.2179 0.2005 -0.0043 0.0380  -0.0077 30 ASP V O   
213 C  CB  . ASP A 30 ? 0.1915 0.1371 0.1794 -0.0141 -0.0038 -0.0218 30 ASP V CB  
214 C  CG  . ASP A 30 ? 0.2479 0.2217 0.2199 -0.0142 -0.0187 -0.0074 30 ASP V CG  
215 O  OD1 . ASP A 30 ? 0.2533 0.3100 0.3607 -0.0605 -0.0069 -0.0098 30 ASP V OD1 
216 O  OD2 . ASP A 30 ? 0.2478 0.2680 0.2698 0.0066  -0.0214 0.0134  30 ASP V OD2 
217 N  N   . LYS A 31 ? 0.1615 0.1636 0.1858 -0.0003 -0.0155 -0.0194 31 LYS V N   
218 C  CA  . LYS A 31 ? 0.1648 0.1903 0.2046 -0.0026 0.0041  -0.0295 31 LYS V CA  
219 C  C   . LYS A 31 ? 0.1433 0.1763 0.1994 -0.0106 0.0155  -0.0256 31 LYS V C   
220 O  O   . LYS A 31 ? 0.1539 0.2379 0.2392 -0.0324 0.0455  -0.0847 31 LYS V O   
221 C  CB  . LYS A 31 ? 0.1856 0.2317 0.2266 0.0110  -0.0088 -0.0321 31 LYS V CB  
222 C  CG  . LYS A 31 ? 0.2766 0.2862 0.2905 -0.0137 0.0013  -0.0519 31 LYS V CG  
223 C  CD  . LYS A 31 ? 0.3412 0.2605 0.2663 -0.0183 0.0029  -0.0507 31 LYS V CD  
224 C  CE  . LYS A 31 ? 0.2932 0.3502 0.3119 -0.0186 -0.0071 0.0101  31 LYS V CE  
225 N  NZ  . LYS A 31 ? 0.3898 0.3743 0.3862 -0.0030 -0.0115 -0.0210 31 LYS V NZ  
226 N  N   . CYS A 32 ? 0.1267 0.1388 0.1570 -0.0094 0.0145  -0.0295 32 CYS V N   
227 C  CA  . CYS A 32 ? 0.1342 0.1136 0.1367 0.0125  0.0125  -0.0294 32 CYS V CA  
228 C  C   . CYS A 32 ? 0.1441 0.1194 0.1590 -0.0021 0.0098  -0.0158 32 CYS V C   
229 O  O   . CYS A 32 ? 0.1299 0.1102 0.1449 0.0048  -0.0011 0.0019  32 CYS V O   
230 C  CB  . CYS A 32 ? 0.1213 0.1165 0.1252 0.0112  -0.0080 -0.0035 32 CYS V CB  
231 S  SG  . CYS A 32 ? 0.1161 0.1141 0.1206 0.0083  -0.0008 -0.0242 32 CYS V SG  
232 N  N   . PRO A 33 ? 0.1319 0.1167 0.1291 0.0073  0.0111  -0.0254 33 PRO V N   
233 C  CA  . PRO A 33 ? 0.1507 0.1387 0.1557 0.0132  0.0108  0.0028  33 PRO V CA  
234 C  C   . PRO A 33 ? 0.1473 0.1215 0.1457 0.0137  0.0099  -0.0077 33 PRO V C   
235 O  O   . PRO A 33 ? 0.1887 0.1654 0.1626 -0.0020 0.0040  0.0157  33 PRO V O   
236 C  CB  . PRO A 33 ? 0.1279 0.1626 0.1356 0.0060  0.0105  0.0022  33 PRO V CB  
237 C  CG  . PRO A 33 ? 0.1044 0.1387 0.1482 0.0269  0.0438  0.0020  33 PRO V CG  
238 C  CD  . PRO A 33 ? 0.1148 0.1215 0.1470 0.0052  0.0335  -0.0123 33 PRO V CD  
239 N  N   . CYS A 34 ? 0.1464 0.1120 0.1064 0.0150  0.0099  -0.0178 34 CYS V N   
240 C  CA  . CYS A 34 ? 0.1326 0.1406 0.1302 0.0178  0.0071  -0.0171 34 CYS V CA  
241 C  C   . CYS A 34 ? 0.1510 0.1660 0.1390 0.0112  0.0028  -0.0177 34 CYS V C   
242 O  O   . CYS A 34 ? 0.1457 0.1708 0.1471 0.0280  -0.0133 -0.0135 34 CYS V O   
243 C  CB  . CYS A 34 ? 0.1175 0.1176 0.1468 0.0141  0.0068  -0.0126 34 CYS V CB  
244 S  SG  . CYS A 34 ? 0.1301 0.1477 0.1478 0.0068  -0.0356 -0.0198 34 CYS V SG  
245 N  N   . GLY A 35 ? 0.1779 0.2055 0.1535 0.0303  -0.0138 -0.0009 35 GLY V N   
246 C  CA  . GLY A 35 ? 0.1849 0.2011 0.1514 0.0286  -0.0142 -0.0168 35 GLY V CA  
247 C  C   . GLY A 35 ? 0.1987 0.2427 0.1663 0.0319  -0.0008 0.0039  35 GLY V C   
248 O  O   . GLY A 35 ? 0.2596 0.2642 0.2361 0.0529  -0.0162 0.0181  35 GLY V O   
249 N  N   . ASN A 36 ? 0.2257 0.2161 0.2034 0.0215  -0.0152 0.0065  36 ASN V N   
250 C  CA  . ASN A 36 ? 0.2670 0.2498 0.2151 0.0141  0.0149  0.0036  36 ASN V CA  
251 C  C   . ASN A 36 ? 0.3347 0.2580 0.2393 0.0279  0.0117  -0.0024 36 ASN V C   
252 O  O   . ASN A 36 ? 0.4062 0.3135 0.2745 0.0185  -0.0030 0.0114  36 ASN V O   
253 C  CB  . ASN A 36 ? 0.2943 0.2294 0.2044 0.0048  0.0008  -0.0212 36 ASN V CB  
254 C  CG  . ASN A 36 ? 0.2737 0.2426 0.2028 0.0272  0.0187  -0.0090 36 ASN V CG  
255 O  OD1 . ASN A 36 ? 0.2487 0.2585 0.1603 0.0146  0.0119  0.0133  36 ASN V OD1 
256 N  ND2 . ASN A 36 ? 0.2780 0.2318 0.2427 0.0210  -0.0028 0.0656  36 ASN V ND2 
257 O  OXT . ASN A 36 ? 0.3493 0.3267 0.2928 0.0212  0.0257  0.0258  36 ASN V OXT 
258 CU CU  . CU1 B .  ? 0.1172 0.1298 0.1292 -0.0007 0.0063  -0.0254 37 CU1 V CU  
259 CU CU  . CU1 C .  ? 0.1327 0.1547 0.1612 0.0011  0.0041  -0.0290 38 CU1 V CU  
260 CU CU  . CU1 D .  ? 0.1163 0.1196 0.1190 0.0022  0.0080  -0.0210 39 CU1 V CU  
261 CU CU  . CU1 E .  ? 0.1153 0.1321 0.1236 0.0128  -0.0004 -0.0157 40 CU1 V CU  
262 CU CU  . CU1 F .  ? 0.1173 0.1140 0.1188 0.0160  0.0017  -0.0228 41 CU1 V CU  
263 CU CU  . CU1 G .  ? 0.1337 0.1382 0.1275 0.0074  0.0032  -0.0283 42 CU1 V CU  
264 CU CU  . CU1 H .  ? 0.1318 0.1487 0.1471 0.0007  -0.0047 -0.0267 43 CU1 V CU  
265 CU CU  . CU1 I .  ? 0.1136 0.1451 0.1171 0.0113  0.0058  -0.0183 44 CU1 V CU  
266 O  O   . HOH J .  ? 0.3228 0.4221 0.1994 -0.1124 -0.0549 0.0718  45 HOH V O   
267 O  O   . HOH J .  ? 0.1481 0.1544 0.1384 -0.0265 0.0113  -0.0252 46 HOH V O   
268 O  O   . HOH J .  ? 0.1903 0.1486 0.1413 -0.0157 0.0074  -0.0222 47 HOH V O   
269 O  O   . HOH J .  ? 0.1497 0.1810 0.1434 0.0131  0.0122  -0.0333 48 HOH V O   
270 O  O   . HOH J .  ? 0.1495 0.1731 0.1239 0.0231  0.0064  -0.0051 49 HOH V O   
271 O  O   . HOH J .  ? 0.2596 0.3053 0.1539 -0.0586 0.0051  -0.0114 50 HOH V O   
272 O  O   . HOH J .  ? 0.1861 0.2014 0.2707 -0.0031 0.0103  0.0075  51 HOH V O   
273 O  O   . HOH J .  ? 0.1982 0.2068 0.2228 0.0310  -0.0095 -0.0032 52 HOH V O   
274 O  O   . HOH J .  ? 0.3077 0.2926 0.2741 -0.1601 -0.0294 0.0201  53 HOH V O   
275 O  O   . HOH J .  ? 0.3684 0.1925 0.3261 0.0170  0.0268  -0.0694 54 HOH V O   
276 O  O   . HOH J .  ? 0.3042 0.2680 0.2824 0.0101  -0.0210 -0.0369 55 HOH V O   
277 O  O   . HOH J .  ? 0.2029 0.2939 0.2941 -0.0632 -0.0082 0.0407  56 HOH V O   
278 O  O   . HOH J .  ? 0.3036 0.2836 0.3302 -0.0106 0.0575  -0.0597 57 HOH V O   
279 O  O   . HOH J .  ? 0.2635 0.3419 0.2920 -0.0019 -0.0031 -0.0375 58 HOH V O   
280 O  O   . HOH J .  ? 0.3102 0.2265 0.2897 0.0622  0.0339  -0.0121 59 HOH V O   
281 O  O   . HOH J .  ? 0.2903 0.2864 0.2908 -0.0574 0.0223  -0.0432 60 HOH V O   
282 O  O   . HOH J .  ? 0.2282 0.2184 0.3167 0.0403  0.0052  0.0008  61 HOH V O   
283 O  O   . HOH J .  ? 0.3124 0.3224 0.4092 -0.0420 0.0162  -0.0361 62 HOH V O   
284 O  O   . HOH J .  ? 0.3047 0.2975 0.2782 -0.0988 0.0243  -0.0401 63 HOH V O   
285 O  O   . HOH J .  ? 0.2595 0.2900 0.3690 -0.0482 -0.0274 -0.0595 64 HOH V O   
286 O  O   . HOH J .  ? 0.4108 0.3806 0.4209 0.0125  0.0223  -0.0346 65 HOH V O   
287 O  O   . HOH J .  ? 0.4210 0.4457 0.3651 -0.0048 -0.0190 0.0360  66 HOH V O   
288 O  O   . HOH J .  ? 0.3175 0.4732 0.3646 -0.0051 0.0016  -0.0199 67 HOH V O   
289 O  O   . HOH J .  ? 0.4359 0.3564 0.4531 -0.0284 -0.0064 -0.0049 68 HOH V O   
290 O  O   . HOH J .  ? 0.5422 0.4363 0.4380 0.0351  -0.0025 -0.0276 69 HOH V O   
291 O  O   . HOH J .  ? 0.4704 0.4480 0.4557 0.0058  0.0218  -0.0210 70 HOH V O   
292 O  O   . HOH J .  ? 0.4829 0.4596 0.4355 -0.0277 0.0287  0.0341  71 HOH V O   
293 O  O   . HOH J .  ? 0.4115 0.4456 0.4554 -0.0070 0.0071  -0.0198 72 HOH V O   
294 O  O   . HOH J .  ? 0.3218 0.3436 0.3205 0.0236  -0.0592 -0.0430 73 HOH V O   
295 O  O   . HOH J .  ? 0.2881 0.2715 0.2676 -0.0157 -0.0451 0.0352  74 HOH V O   
296 O  O   . HOH J .  ? 0.5456 0.5425 0.5232 0.0064  0.0023  -0.0021 75 HOH V O   
297 O  O   . HOH J .  ? 0.3270 0.2872 0.4631 -0.0618 0.0034  0.0453  76 HOH V O   
298 O  O   . HOH J .  ? 0.4682 0.4511 0.4679 -0.0044 0.0012  0.0051  77 HOH V O   
299 O  O   . HOH J .  ? 0.4217 0.4055 0.4213 -0.0041 0.0012  0.0048  78 HOH V O   
300 O  O   . HOH J .  ? 0.5129 0.5348 0.5506 -0.0010 0.0140  -0.0131 79 HOH V O   
301 O  O   . HOH J .  ? 0.6612 0.6116 0.6316 0.0121  -0.0064 0.0073  80 HOH V O   
302 O  O   . HOH J .  ? 0.3033 0.3173 0.3290 0.0167  0.0268  0.0173  81 HOH V O   
# 
